data_1RGU
#
_entry.id   1RGU
#
_cell.length_a   49.716
_cell.length_b   104.557
_cell.length_c   193.180
_cell.angle_alpha   90.00
_cell.angle_beta   90.00
_cell.angle_gamma   90.00
#
_symmetry.space_group_name_H-M   'P 21 21 21'
#
loop_
_entity.id
_entity.type
_entity.pdbx_description
1 polymer "5'-D(*AP*GP*TP*G)-3'"
2 polymer 'Tyrosyl-DNA phosphodiesterase 1'
3 non-polymer 'VANADATE ION'
4 non-polymer SPERMINE
5 non-polymer 4-(2S-AMINO-1-HYDROXYETHYL)PHENOL
6 water water
#
loop_
_entity_poly.entity_id
_entity_poly.type
_entity_poly.pdbx_seq_one_letter_code
_entity_poly.pdbx_strand_id
1 'polydeoxyribonucleotide' (DA)(DG)(DT)(DG) D,F
2 'polypeptide(L)'
;MGSSHHHHHHSSGLVPRGSHMLEDPGEGQDIWDMLDKGNPFQFYLTRVSGVKPKYNSGALHIKDILSPLFGTLVSSAQFN
YCFDVDWLVKQYPPEFRKKPILLVHGDKREAKAHLHAQAKPYENISLCQAKLDIAFGTHHTKMMLLLYEEGLRVVIHTSN
LIHADWHQKTQGIWLSPLYPRIADGTHKSGESPTHFKANLISYLTAYNAPSLKEWIDVIHKHDLSETNVYLIGSTPGRFQ
GSQKDNWGHFRLKKLLKDHASSMPNAESWPVVGQFSSVGSLGADESKWLCSEFKESMLTLGKESKTPGKSSVPLYLIYPS
VENVRTSLEGYPAGGSLPYSIQTAEKQNWLHSYFHKWSAETSGRSNAMPHIKTYMRPSPDFSKIAWFLVTSANLSKAAWG
ALEKNGTQLMIRSYELGVLFLPSALGLDSFKVKQKFFAGSQEPMATFPVPYDLPPELYGSKDRPWIWNIPYVKAPDTHGN
MWVPS
;
A,B
#
# COMPACT_ATOMS: atom_id res chain seq x y z
N ASN C 39 12.31 -0.99 19.67
CA ASN C 39 12.43 -2.28 18.93
C ASN C 39 11.37 -2.39 17.85
N PRO C 40 11.75 -2.17 16.60
CA PRO C 40 10.77 -2.06 15.52
C PRO C 40 10.40 -3.41 14.94
N PHE C 41 11.17 -4.44 15.31
CA PHE C 41 11.01 -5.75 14.71
C PHE C 41 9.99 -6.64 15.42
N GLN C 42 10.01 -6.63 16.75
CA GLN C 42 9.09 -7.44 17.55
C GLN C 42 9.21 -8.93 17.17
N PHE C 43 10.43 -9.33 16.88
CA PHE C 43 10.76 -10.69 16.56
C PHE C 43 11.39 -11.26 17.82
N TYR C 44 10.84 -12.38 18.30
CA TYR C 44 11.33 -13.03 19.51
C TYR C 44 11.60 -14.51 19.31
N LEU C 45 12.50 -15.04 20.13
CA LEU C 45 12.70 -16.47 20.27
C LEU C 45 11.89 -16.98 21.44
N THR C 46 11.49 -18.26 21.40
CA THR C 46 10.84 -18.86 22.55
C THR C 46 11.84 -19.13 23.68
N ARG C 47 11.34 -19.13 24.91
CA ARG C 47 12.16 -19.50 26.08
C ARG C 47 12.65 -20.93 25.89
N VAL C 48 13.92 -21.14 26.22
CA VAL C 48 14.50 -22.46 26.21
C VAL C 48 14.88 -22.88 27.62
N SER C 49 14.36 -24.02 28.08
CA SER C 49 14.73 -24.55 29.39
C SER C 49 16.09 -25.14 29.35
N GLY C 50 16.86 -24.88 30.40
CA GLY C 50 18.17 -25.50 30.52
C GLY C 50 19.34 -24.70 29.96
N VAL C 51 19.10 -23.47 29.51
CA VAL C 51 20.24 -22.58 29.19
C VAL C 51 20.33 -21.47 30.21
N LYS C 52 21.48 -20.84 30.28
CA LYS C 52 21.70 -19.73 31.21
C LYS C 52 20.59 -18.69 31.02
N PRO C 53 20.09 -18.13 32.12
CA PRO C 53 18.95 -17.22 32.06
C PRO C 53 19.19 -16.03 31.13
N LYS C 54 20.44 -15.67 30.94
CA LYS C 54 20.79 -14.56 30.07
C LYS C 54 20.37 -14.81 28.62
N TYR C 55 20.30 -16.08 28.22
CA TYR C 55 19.90 -16.45 26.86
C TYR C 55 18.39 -16.47 26.70
N ASN C 56 17.69 -16.33 27.82
CA ASN C 56 16.24 -16.20 27.82
C ASN C 56 15.74 -14.78 28.10
N SER C 57 16.67 -13.82 28.25
CA SER C 57 16.24 -12.48 28.69
C SER C 57 15.25 -11.83 27.74
N GLY C 58 15.49 -11.88 26.45
CA GLY C 58 14.49 -11.37 25.52
C GLY C 58 13.46 -12.40 25.02
N ALA C 59 13.45 -13.60 25.59
CA ALA C 59 12.68 -14.69 25.00
C ALA C 59 11.27 -14.81 25.57
N LEU C 60 10.35 -15.39 24.80
CA LEU C 60 8.97 -15.50 25.29
C LEU C 60 8.53 -16.95 25.36
N HIS C 61 7.78 -17.26 26.41
CA HIS C 61 7.06 -18.51 26.50
C HIS C 61 5.62 -18.17 26.19
N ILE C 62 4.85 -19.15 25.71
CA ILE C 62 3.44 -18.93 25.45
C ILE C 62 2.69 -18.36 26.65
N LYS C 63 3.07 -18.77 27.85
CA LYS C 63 2.48 -18.17 29.06
C LYS C 63 2.71 -16.66 29.15
N ASP C 64 3.88 -16.19 28.74
CA ASP C 64 4.13 -14.74 28.72
C ASP C 64 3.20 -14.06 27.71
N ILE C 65 3.04 -14.67 26.55
CA ILE C 65 2.20 -14.11 25.49
C ILE C 65 0.73 -13.96 25.88
N LEU C 66 0.22 -14.87 26.71
CA LEU C 66 -1.19 -14.91 27.05
C LEU C 66 -1.44 -14.23 28.39
N SER C 67 -0.38 -13.74 29.00
CA SER C 67 -0.45 -13.11 30.30
C SER C 67 -1.34 -11.85 30.29
N PRO C 68 -1.89 -11.52 31.45
CA PRO C 68 -2.84 -10.40 31.56
C PRO C 68 -2.13 -9.08 31.29
N LEU C 69 -0.80 -9.09 31.37
CA LEU C 69 -0.01 -7.92 31.05
C LEU C 69 -0.08 -7.57 29.56
N PHE C 70 -0.42 -8.55 28.73
CA PHE C 70 -0.50 -8.33 27.28
C PHE C 70 -1.86 -7.84 26.83
N GLY C 71 -2.83 -7.87 27.74
CA GLY C 71 -4.17 -7.44 27.44
C GLY C 71 -5.18 -8.25 28.23
N THR C 72 -6.35 -7.66 28.42
CA THR C 72 -7.45 -8.30 29.15
C THR C 72 -8.27 -9.12 28.19
N LEU C 73 -8.11 -10.43 28.26
CA LEU C 73 -8.54 -11.32 27.19
C LEU C 73 -10.04 -11.56 27.15
N VAL C 74 -10.59 -11.57 25.94
CA VAL C 74 -12.02 -11.70 25.70
C VAL C 74 -12.33 -12.94 24.86
N SER C 75 -11.49 -13.21 23.87
CA SER C 75 -11.68 -14.32 22.96
C SER C 75 -10.34 -14.60 22.25
N SER C 76 -10.13 -15.80 21.76
CA SER C 76 -8.91 -16.04 21.00
C SER C 76 -9.09 -17.13 19.97
N ALA C 77 -8.31 -17.06 18.90
CA ALA C 77 -8.27 -18.10 17.90
C ALA C 77 -6.85 -18.64 17.80
N GLN C 78 -6.72 -19.97 17.77
CA GLN C 78 -5.42 -20.62 17.73
C GLN C 78 -5.32 -21.47 16.48
N PHE C 79 -4.57 -20.97 15.49
CA PHE C 79 -4.33 -21.68 14.25
C PHE C 79 -3.08 -22.50 14.47
N ASN C 80 -3.13 -23.77 14.10
CA ASN C 80 -1.94 -24.59 14.20
C ASN C 80 -2.09 -25.95 13.50
N TYR C 81 -1.06 -26.77 13.65
CA TYR C 81 -0.96 -28.09 13.06
C TYR C 81 -1.28 -29.13 14.12
N CYS C 82 -0.43 -29.23 15.14
CA CYS C 82 -0.64 -30.18 16.22
C CYS C 82 -1.07 -29.45 17.46
N PHE C 83 -2.04 -30.03 18.17
CA PHE C 83 -2.60 -29.42 19.39
C PHE C 83 -2.56 -30.42 20.55
N ASP C 84 -2.20 -29.95 21.74
CA ASP C 84 -2.46 -30.67 22.96
C ASP C 84 -3.41 -29.82 23.77
N VAL C 85 -4.69 -30.17 23.74
CA VAL C 85 -5.67 -29.27 24.30
C VAL C 85 -5.51 -29.02 25.79
N ASP C 86 -5.26 -30.07 26.56
CA ASP C 86 -5.13 -29.94 28.01
C ASP C 86 -3.98 -29.01 28.34
N TRP C 87 -2.84 -29.24 27.69
CA TRP C 87 -1.67 -28.37 27.87
C TRP C 87 -2.00 -26.93 27.46
N LEU C 88 -2.70 -26.77 26.34
CA LEU C 88 -2.96 -25.45 25.78
C LEU C 88 -3.74 -24.59 26.75
N VAL C 89 -4.78 -25.18 27.32
CA VAL C 89 -5.66 -24.45 28.22
C VAL C 89 -4.91 -24.01 29.48
N LYS C 90 -3.96 -24.83 29.92
CA LYS C 90 -3.12 -24.48 31.07
C LYS C 90 -2.16 -23.33 30.79
N GLN C 91 -1.91 -23.03 29.52
CA GLN C 91 -0.99 -21.93 29.20
C GLN C 91 -1.68 -20.59 29.40
N TYR C 92 -3.01 -20.59 29.31
CA TYR C 92 -3.82 -19.40 29.58
C TYR C 92 -3.81 -19.16 31.09
N PRO C 93 -3.78 -17.90 31.52
CA PRO C 93 -3.86 -17.62 32.97
C PRO C 93 -5.26 -18.01 33.45
N PRO C 94 -5.36 -18.43 34.72
CA PRO C 94 -6.61 -18.95 35.27
C PRO C 94 -7.80 -18.02 35.06
N GLU C 95 -7.58 -16.72 35.16
CA GLU C 95 -8.64 -15.73 34.95
C GLU C 95 -9.19 -15.73 33.52
N PHE C 96 -8.44 -16.28 32.57
CA PHE C 96 -8.85 -16.24 31.16
C PHE C 96 -9.16 -17.61 30.61
N ARG C 97 -8.95 -18.64 31.43
CA ARG C 97 -9.07 -20.02 30.97
C ARG C 97 -10.48 -20.35 30.49
N LYS C 98 -11.44 -19.50 30.81
CA LYS C 98 -12.83 -19.80 30.48
C LYS C 98 -13.40 -18.97 29.32
N LYS C 99 -12.59 -18.05 28.79
CA LYS C 99 -12.96 -17.30 27.60
C LYS C 99 -12.94 -18.17 26.36
N PRO C 100 -13.76 -17.82 25.37
CA PRO C 100 -13.91 -18.67 24.19
C PRO C 100 -12.60 -18.81 23.42
N ILE C 101 -12.38 -20.00 22.88
CA ILE C 101 -11.18 -20.32 22.13
C ILE C 101 -11.57 -21.06 20.88
N LEU C 102 -11.13 -20.57 19.73
CA LEU C 102 -11.30 -21.30 18.48
C LEU C 102 -10.00 -22.01 18.08
N LEU C 103 -10.06 -23.33 17.89
CA LEU C 103 -8.94 -24.09 17.37
C LEU C 103 -9.11 -24.30 15.88
N VAL C 104 -8.18 -23.76 15.10
CA VAL C 104 -8.22 -23.91 13.65
C VAL C 104 -7.14 -24.91 13.23
N HIS C 105 -7.59 -26.06 12.74
CA HIS C 105 -6.74 -27.21 12.49
C HIS C 105 -7.12 -27.75 11.14
N GLY C 106 -6.37 -28.75 10.68
CA GLY C 106 -6.64 -29.37 9.38
C GLY C 106 -6.85 -30.87 9.51
N ASP C 107 -7.16 -31.33 10.73
CA ASP C 107 -7.27 -32.77 10.99
C ASP C 107 -8.48 -33.44 10.33
N LYS C 108 -8.29 -34.69 9.91
CA LYS C 108 -9.34 -35.50 9.28
C LYS C 108 -9.55 -36.88 9.95
N ARG C 109 -10.68 -37.52 9.62
CA ARG C 109 -11.02 -38.86 10.14
C ARG C 109 -10.82 -39.03 11.65
N GLU C 110 -9.96 -39.97 12.02
CA GLU C 110 -9.78 -40.32 13.43
C GLU C 110 -9.08 -39.22 14.21
N ALA C 111 -8.06 -38.62 13.58
CA ALA C 111 -7.33 -37.50 14.17
C ALA C 111 -8.29 -36.38 14.55
N LYS C 112 -9.23 -36.10 13.66
CA LYS C 112 -10.28 -35.11 13.90
C LYS C 112 -11.15 -35.45 15.11
N ALA C 113 -11.60 -36.70 15.22
CA ALA C 113 -12.41 -37.09 16.37
C ALA C 113 -11.58 -37.01 17.67
N HIS C 114 -10.31 -37.40 17.57
CA HIS C 114 -9.42 -37.34 18.73
C HIS C 114 -9.26 -35.92 19.27
N LEU C 115 -9.11 -34.96 18.37
CA LEU C 115 -9.03 -33.56 18.75
C LEU C 115 -10.36 -33.07 19.32
N HIS C 116 -11.46 -33.44 18.67
CA HIS C 116 -12.80 -33.12 19.19
C HIS C 116 -12.95 -33.68 20.59
N ALA C 117 -12.49 -34.91 20.78
CA ALA C 117 -12.50 -35.55 22.11
C ALA C 117 -11.69 -34.72 23.11
N GLN C 118 -10.43 -34.44 22.78
CA GLN C 118 -9.60 -33.58 23.64
C GLN C 118 -10.39 -32.33 24.04
N ALA C 119 -11.11 -31.77 23.08
CA ALA C 119 -11.79 -30.48 23.29
C ALA C 119 -13.15 -30.58 24.00
N LYS C 120 -13.88 -31.66 23.77
CA LYS C 120 -15.18 -31.91 24.46
C LYS C 120 -15.32 -31.37 25.89
N PRO C 121 -14.38 -31.70 26.78
CA PRO C 121 -14.47 -31.30 28.20
C PRO C 121 -14.51 -29.80 28.44
N TYR C 122 -14.01 -29.01 27.50
CA TYR C 122 -13.89 -27.58 27.75
C TYR C 122 -15.01 -26.89 26.96
N GLU C 123 -16.02 -26.41 27.69
CA GLU C 123 -17.20 -25.82 27.07
C GLU C 123 -16.88 -24.66 26.12
N ASN C 124 -15.87 -23.88 26.49
CA ASN C 124 -15.49 -22.66 25.78
C ASN C 124 -14.70 -22.87 24.46
N ILE C 125 -14.40 -24.10 24.10
CA ILE C 125 -13.58 -24.35 22.91
C ILE C 125 -14.39 -24.79 21.70
N SER C 126 -14.26 -24.09 20.58
CA SER C 126 -14.82 -24.57 19.32
C SER C 126 -13.70 -24.96 18.36
N LEU C 127 -14.05 -25.67 17.30
CA LEU C 127 -13.12 -26.12 16.28
C LEU C 127 -13.55 -25.64 14.90
N CYS C 128 -12.57 -25.40 14.05
CA CYS C 128 -12.81 -25.12 12.64
C CYS C 128 -11.85 -25.92 11.80
N GLN C 129 -12.38 -26.87 11.03
CA GLN C 129 -11.54 -27.73 10.23
C GLN C 129 -11.29 -27.01 8.94
N ALA C 130 -10.01 -26.81 8.60
CA ALA C 130 -9.64 -26.13 7.37
C ALA C 130 -9.68 -27.12 6.25
N LYS C 131 -10.35 -26.75 5.16
CA LYS C 131 -10.48 -27.68 4.05
C LYS C 131 -9.10 -27.93 3.45
N LEU C 132 -8.81 -29.20 3.20
CA LEU C 132 -7.56 -29.60 2.58
C LEU C 132 -7.86 -30.49 1.37
N ASP C 133 -8.31 -29.88 0.29
CA ASP C 133 -8.78 -30.63 -0.88
C ASP C 133 -7.69 -31.30 -1.68
N ILE C 134 -6.44 -30.87 -1.49
CA ILE C 134 -5.34 -31.49 -2.23
C ILE C 134 -4.58 -32.46 -1.33
N ALA C 135 -4.26 -33.63 -1.88
CA ALA C 135 -3.60 -34.66 -1.10
C ALA C 135 -2.25 -34.17 -0.59
N PHE C 136 -1.89 -34.61 0.61
CA PHE C 136 -0.58 -34.33 1.19
C PHE C 136 -0.42 -32.90 1.69
N GLY C 137 -1.54 -32.18 1.76
CA GLY C 137 -1.53 -30.83 2.32
C GLY C 137 -1.73 -30.90 3.82
N THR C 138 -1.25 -29.88 4.53
CA THR C 138 -1.55 -29.75 5.95
C THR C 138 -1.96 -28.33 6.23
N HIS C 139 -2.70 -28.14 7.32
CA HIS C 139 -2.92 -26.82 7.84
C HIS C 139 -1.76 -26.49 8.79
N HIS C 140 -0.72 -25.85 8.25
CA HIS C 140 0.56 -25.78 8.95
C HIS C 140 0.81 -24.43 9.62
N THR C 141 0.08 -23.41 9.20
CA THR C 141 0.11 -22.07 9.78
C THR C 141 0.05 -22.09 11.30
N LYS C 142 0.90 -21.28 11.95
CA LYS C 142 0.82 -21.04 13.39
C LYS C 142 0.56 -19.58 13.67
N MET C 143 -0.66 -19.29 14.16
CA MET C 143 -1.07 -17.93 14.42
C MET C 143 -2.03 -17.88 15.62
N MET C 144 -1.91 -16.82 16.41
CA MET C 144 -2.89 -16.53 17.46
C MET C 144 -3.59 -15.20 17.12
N LEU C 145 -4.92 -15.19 17.18
CA LEU C 145 -5.66 -13.93 17.15
C LEU C 145 -6.18 -13.75 18.57
N LEU C 146 -5.84 -12.62 19.17
CA LEU C 146 -6.13 -12.38 20.58
C LEU C 146 -6.99 -11.14 20.72
N LEU C 147 -8.29 -11.32 20.96
CA LEU C 147 -9.17 -10.17 21.17
C LEU C 147 -9.24 -9.76 22.64
N TYR C 148 -8.89 -8.51 22.95
CA TYR C 148 -8.90 -7.99 24.30
C TYR C 148 -9.92 -6.88 24.45
N GLU C 149 -10.18 -6.49 25.69
CA GLU C 149 -11.04 -5.34 25.93
C GLU C 149 -10.42 -4.08 25.31
N GLU C 150 -9.10 -4.02 25.38
CA GLU C 150 -8.33 -2.83 24.99
C GLU C 150 -7.94 -2.77 23.50
N GLY C 151 -8.11 -3.88 22.79
CA GLY C 151 -7.81 -3.95 21.37
C GLY C 151 -7.63 -5.37 20.88
N LEU C 152 -6.75 -5.53 19.89
CA LEU C 152 -6.53 -6.82 19.23
C LEU C 152 -5.02 -7.08 19.02
N ARG C 153 -4.59 -8.32 19.22
CA ARG C 153 -3.22 -8.69 18.89
C ARG C 153 -3.15 -9.86 17.93
N VAL C 154 -2.21 -9.79 16.99
CA VAL C 154 -1.94 -10.91 16.08
C VAL C 154 -0.54 -11.44 16.38
N VAL C 155 -0.46 -12.75 16.55
CA VAL C 155 0.82 -13.37 16.80
C VAL C 155 1.05 -14.40 15.72
N ILE C 156 2.16 -14.27 14.99
CA ILE C 156 2.50 -15.25 13.97
C ILE C 156 3.82 -15.88 14.38
N HIS C 157 3.88 -17.21 14.40
CA HIS C 157 4.99 -17.89 15.04
C HIS C 157 5.23 -19.27 14.43
N THR C 158 6.06 -20.09 15.07
CA THR C 158 6.47 -21.33 14.42
C THR C 158 6.20 -22.58 15.23
N SER C 159 5.60 -22.44 16.41
CA SER C 159 5.48 -23.56 17.35
C SER C 159 4.15 -24.26 17.30
N ASN C 160 4.15 -25.59 17.45
CA ASN C 160 2.89 -26.30 17.63
C ASN C 160 2.41 -26.06 19.04
N LEU C 161 1.12 -26.30 19.29
CA LEU C 161 0.60 -26.08 20.63
C LEU C 161 0.70 -27.36 21.48
N ILE C 162 1.94 -27.77 21.69
CA ILE C 162 2.29 -28.94 22.50
C ILE C 162 3.52 -28.55 23.31
N HIS C 163 3.67 -29.22 24.45
CA HIS C 163 4.67 -28.80 25.43
C HIS C 163 6.08 -28.80 24.85
N ALA C 164 6.40 -29.82 24.05
CA ALA C 164 7.77 -30.00 23.61
C ALA C 164 8.20 -28.99 22.54
N ASP C 165 7.26 -28.40 21.81
CA ASP C 165 7.63 -27.34 20.88
C ASP C 165 8.05 -26.05 21.60
N TRP C 166 7.74 -25.94 22.89
CA TRP C 166 8.03 -24.71 23.64
C TRP C 166 9.02 -24.94 24.79
N HIS C 167 9.63 -26.12 24.83
CA HIS C 167 10.51 -26.48 25.94
C HIS C 167 11.99 -26.22 25.59
N GLN C 168 12.54 -26.95 24.63
CA GLN C 168 13.97 -26.86 24.31
C GLN C 168 14.30 -26.72 22.82
N LYS C 169 13.40 -26.09 22.06
CA LYS C 169 13.56 -25.88 20.62
C LYS C 169 13.86 -24.39 20.36
N THR C 170 14.55 -24.12 19.25
CA THR C 170 14.64 -22.74 18.80
C THR C 170 13.40 -22.47 17.96
N GLN C 171 12.55 -21.54 18.42
CA GLN C 171 11.33 -21.17 17.70
C GLN C 171 11.26 -19.64 17.54
N GLY C 172 10.52 -19.16 16.55
CA GLY C 172 10.39 -17.72 16.33
C GLY C 172 8.97 -17.18 16.52
N ILE C 173 8.88 -15.94 16.99
CA ILE C 173 7.59 -15.31 17.22
C ILE C 173 7.63 -13.90 16.65
N TRP C 174 6.60 -13.52 15.89
CA TRP C 174 6.35 -12.10 15.62
C TRP C 174 5.15 -11.64 16.44
N LEU C 175 5.31 -10.58 17.22
CA LEU C 175 4.22 -10.02 18.02
C LEU C 175 3.77 -8.72 17.41
N SER C 176 2.51 -8.63 16.98
CA SER C 176 2.01 -7.37 16.46
C SER C 176 1.89 -6.37 17.62
N PRO C 177 1.75 -5.09 17.35
CA PRO C 177 1.43 -4.13 18.41
C PRO C 177 -0.01 -4.34 18.88
N LEU C 178 -0.40 -3.71 19.97
CA LEU C 178 -1.80 -3.73 20.35
C LEU C 178 -2.55 -2.84 19.36
N TYR C 179 -3.44 -3.45 18.58
CA TYR C 179 -4.25 -2.74 17.60
C TYR C 179 -5.49 -2.20 18.29
N PRO C 180 -5.68 -0.88 18.32
CA PRO C 180 -6.89 -0.32 18.96
C PRO C 180 -8.14 -0.57 18.13
N ARG C 181 -9.29 -0.61 18.78
CA ARG C 181 -10.57 -0.66 18.09
C ARG C 181 -10.79 0.65 17.36
N ILE C 182 -11.36 0.63 16.16
CA ILE C 182 -11.57 1.89 15.43
C ILE C 182 -12.70 2.71 16.05
N ALA C 183 -12.43 3.99 16.31
CA ALA C 183 -13.36 4.89 17.01
C ALA C 183 -14.80 4.70 16.54
N ASP C 184 -15.68 4.39 17.49
CA ASP C 184 -17.10 4.06 17.21
C ASP C 184 -17.82 4.98 16.21
N GLY C 185 -17.24 6.16 15.97
CA GLY C 185 -17.81 7.09 15.00
C GLY C 185 -16.83 7.69 14.02
N THR C 186 -15.95 6.87 13.45
CA THR C 186 -15.00 7.37 12.47
C THR C 186 -14.85 6.53 11.19
N HIS C 187 -14.47 7.21 10.11
CA HIS C 187 -14.30 6.58 8.82
C HIS C 187 -12.81 6.38 8.52
N LYS C 188 -12.29 5.19 8.81
CA LYS C 188 -10.92 4.84 8.43
C LYS C 188 -10.77 3.37 8.03
N SER C 189 -9.79 3.09 7.18
CA SER C 189 -9.52 1.73 6.76
C SER C 189 -8.85 0.94 7.88
N GLY C 190 -8.06 1.62 8.71
CA GLY C 190 -7.20 0.95 9.67
C GLY C 190 -6.12 0.10 9.01
N GLU C 191 -5.78 0.45 7.76
CA GLU C 191 -4.81 -0.28 6.97
C GLU C 191 -3.38 0.28 7.12
N SER C 192 -2.37 -0.59 7.01
CA SER C 192 -0.97 -0.15 7.03
C SER C 192 -0.42 0.02 5.62
N PRO C 193 0.68 0.76 5.49
CA PRO C 193 1.42 0.85 4.21
C PRO C 193 1.76 -0.49 3.65
N THR C 194 1.85 -1.53 4.49
CA THR C 194 2.17 -2.87 3.99
C THR C 194 0.95 -3.70 3.57
N HIS C 195 -0.25 -3.15 3.75
CA HIS C 195 -1.48 -3.85 3.38
C HIS C 195 -1.77 -5.09 4.22
N PHE C 196 -1.21 -5.11 5.43
CA PHE C 196 -1.34 -6.24 6.34
C PHE C 196 -2.82 -6.57 6.65
N LYS C 197 -3.59 -5.56 7.02
CA LYS C 197 -5.00 -5.74 7.36
C LYS C 197 -5.75 -6.48 6.23
N ALA C 198 -5.74 -5.89 5.03
CA ALA C 198 -6.37 -6.54 3.88
C ALA C 198 -5.76 -7.91 3.53
N ASN C 199 -4.44 -8.05 3.65
CA ASN C 199 -3.83 -9.33 3.31
C ASN C 199 -4.22 -10.45 4.29
N LEU C 200 -4.34 -10.07 5.56
CA LEU C 200 -4.72 -11.03 6.61
C LEU C 200 -6.17 -11.44 6.40
N ILE C 201 -7.01 -10.47 6.08
CA ILE C 201 -8.41 -10.75 5.76
C ILE C 201 -8.56 -11.69 4.58
N SER C 202 -7.76 -11.48 3.53
CA SER C 202 -7.82 -12.35 2.34
C SER C 202 -7.30 -13.74 2.67
N TYR C 203 -6.28 -13.82 3.54
CA TYR C 203 -5.79 -15.12 4.01
C TYR C 203 -6.92 -15.85 4.74
N LEU C 204 -7.64 -15.18 5.63
CA LEU C 204 -8.71 -15.84 6.35
C LEU C 204 -9.90 -16.13 5.43
N THR C 205 -10.13 -15.25 4.46
CA THR C 205 -11.25 -15.44 3.54
C THR C 205 -11.11 -16.72 2.74
N ALA C 206 -9.88 -17.13 2.47
CA ALA C 206 -9.66 -18.28 1.62
C ALA C 206 -10.13 -19.56 2.30
N TYR C 207 -10.31 -19.55 3.63
CA TYR C 207 -10.73 -20.79 4.31
C TYR C 207 -12.20 -21.04 4.00
N ASN C 208 -12.95 -19.97 3.76
CA ASN C 208 -14.37 -20.10 3.49
C ASN C 208 -15.09 -20.71 4.68
N ALA C 209 -14.74 -20.27 5.89
CA ALA C 209 -15.24 -20.89 7.12
C ALA C 209 -16.01 -19.92 7.98
N PRO C 210 -17.21 -20.34 8.40
CA PRO C 210 -18.11 -19.49 9.18
C PRO C 210 -17.46 -18.87 10.42
N SER C 211 -16.74 -19.66 11.22
CA SER C 211 -16.11 -19.12 12.43
C SER C 211 -15.00 -18.10 12.13
N LEU C 212 -14.43 -18.17 10.94
CA LEU C 212 -13.35 -17.24 10.62
C LEU C 212 -13.94 -15.90 10.16
N LYS C 213 -15.18 -15.93 9.69
CA LYS C 213 -15.83 -14.72 9.23
C LYS C 213 -16.05 -13.77 10.41
N GLU C 214 -16.32 -14.32 11.58
CA GLU C 214 -16.44 -13.50 12.77
C GLU C 214 -15.10 -12.86 13.08
N TRP C 215 -14.04 -13.64 12.98
CA TRP C 215 -12.71 -13.07 13.19
C TRP C 215 -12.38 -12.01 12.13
N ILE C 216 -12.79 -12.24 10.89
CA ILE C 216 -12.61 -11.26 9.81
C ILE C 216 -13.34 -9.96 10.20
N ASP C 217 -14.54 -10.10 10.75
CA ASP C 217 -15.32 -8.94 11.21
C ASP C 217 -14.64 -8.20 12.35
N VAL C 218 -14.08 -8.94 13.31
CA VAL C 218 -13.30 -8.34 14.38
C VAL C 218 -12.10 -7.55 13.81
N ILE C 219 -11.41 -8.12 12.82
CA ILE C 219 -10.23 -7.45 12.26
C ILE C 219 -10.65 -6.16 11.53
N HIS C 220 -11.77 -6.21 10.82
CA HIS C 220 -12.31 -5.04 10.14
C HIS C 220 -12.44 -3.90 11.12
N LYS C 221 -12.80 -4.23 12.36
CA LYS C 221 -13.10 -3.23 13.35
C LYS C 221 -11.88 -2.69 14.06
N HIS C 222 -10.70 -3.21 13.75
CA HIS C 222 -9.51 -2.65 14.39
C HIS C 222 -8.60 -1.90 13.43
N ASP C 223 -7.77 -1.04 14.02
CA ASP C 223 -6.81 -0.21 13.29
C ASP C 223 -5.44 -0.90 13.29
N LEU C 224 -5.06 -1.48 12.16
CA LEU C 224 -3.79 -2.17 12.05
C LEU C 224 -2.72 -1.33 11.32
N SER C 225 -2.93 -0.02 11.24
CA SER C 225 -2.05 0.84 10.44
C SER C 225 -0.59 0.92 10.91
N GLU C 226 -0.32 0.63 12.17
CA GLU C 226 1.06 0.69 12.68
C GLU C 226 1.91 -0.52 12.22
N THR C 227 1.29 -1.51 11.60
CA THR C 227 2.00 -2.72 11.15
C THR C 227 3.07 -2.44 10.12
N ASN C 228 4.31 -2.82 10.40
CA ASN C 228 5.40 -2.56 9.46
C ASN C 228 5.94 -3.82 8.78
N VAL C 229 5.20 -4.92 8.81
CA VAL C 229 5.70 -6.14 8.17
C VAL C 229 4.73 -6.52 7.06
N TYR C 230 5.19 -7.36 6.14
CA TYR C 230 4.34 -7.89 5.09
C TYR C 230 3.91 -9.32 5.39
N LEU C 231 2.67 -9.64 5.05
CA LEU C 231 2.16 -10.98 5.23
C LEU C 231 2.41 -11.80 3.97
N ILE C 232 2.97 -12.99 4.16
CA ILE C 232 3.18 -13.96 3.09
C ILE C 232 2.49 -15.25 3.48
N GLY C 233 1.43 -15.60 2.75
CA GLY C 233 0.64 -16.77 3.05
C GLY C 233 0.69 -17.82 1.99
N SER C 234 0.38 -19.04 2.37
CA SER C 234 0.11 -20.10 1.42
C SER C 234 -1.27 -20.62 1.75
N THR C 235 -2.06 -20.97 0.73
CA THR C 235 -3.29 -21.74 0.93
C THR C 235 -3.44 -22.74 -0.20
N PRO C 236 -4.17 -23.82 0.04
CA PRO C 236 -4.33 -24.90 -0.93
C PRO C 236 -5.06 -24.41 -2.15
N GLY C 237 -4.50 -24.66 -3.33
CA GLY C 237 -5.15 -24.25 -4.55
C GLY C 237 -4.25 -24.49 -5.74
N ARG C 238 -4.85 -24.30 -6.92
CA ARG C 238 -4.12 -24.27 -8.18
C ARG C 238 -4.44 -22.89 -8.71
N PHE C 239 -3.41 -22.08 -8.89
CA PHE C 239 -3.60 -20.66 -9.08
C PHE C 239 -3.12 -20.20 -10.45
N GLN C 240 -3.99 -19.47 -11.15
CA GLN C 240 -3.74 -19.08 -12.54
C GLN C 240 -3.73 -17.58 -12.72
N GLY C 241 -3.00 -17.13 -13.74
CA GLY C 241 -2.95 -15.73 -14.10
C GLY C 241 -2.46 -14.86 -12.95
N SER C 242 -3.24 -13.85 -12.62
CA SER C 242 -2.86 -12.87 -11.61
C SER C 242 -2.94 -13.41 -10.19
N GLN C 243 -3.63 -14.55 -10.04
CA GLN C 243 -3.81 -15.19 -8.75
C GLN C 243 -2.52 -15.84 -8.25
N LYS C 244 -1.59 -16.08 -9.17
CA LYS C 244 -0.29 -16.67 -8.80
C LYS C 244 0.48 -15.82 -7.82
N ASP C 245 0.43 -14.49 -8.01
CA ASP C 245 1.12 -13.52 -7.16
C ASP C 245 0.61 -13.46 -5.72
N ASN C 246 -0.50 -14.14 -5.45
CA ASN C 246 -1.20 -14.01 -4.17
C ASN C 246 -0.59 -14.86 -3.03
N TRP C 247 -0.01 -16.01 -3.38
CA TRP C 247 0.38 -17.04 -2.40
C TRP C 247 1.76 -17.65 -2.65
N GLY C 248 2.38 -18.13 -1.57
CA GLY C 248 3.59 -18.91 -1.67
C GLY C 248 4.83 -18.17 -2.18
N HIS C 249 5.68 -18.85 -2.93
CA HIS C 249 6.91 -18.19 -3.35
C HIS C 249 6.70 -17.09 -4.41
N PHE C 250 5.61 -17.15 -5.16
CA PHE C 250 5.30 -16.08 -6.11
C PHE C 250 4.85 -14.82 -5.36
N ARG C 251 4.19 -15.00 -4.22
CA ARG C 251 3.83 -13.87 -3.41
C ARG C 251 5.11 -13.18 -2.94
N LEU C 252 6.12 -13.99 -2.62
CA LEU C 252 7.35 -13.42 -2.07
C LEU C 252 8.11 -12.71 -3.19
N LYS C 253 8.13 -13.34 -4.36
CA LYS C 253 8.74 -12.73 -5.55
C LYS C 253 8.09 -11.39 -5.85
N LYS C 254 6.77 -11.36 -5.83
CA LYS C 254 6.02 -10.13 -6.02
C LYS C 254 6.40 -9.04 -5.04
N LEU C 255 6.47 -9.36 -3.75
CA LEU C 255 6.81 -8.33 -2.76
C LEU C 255 8.26 -7.85 -2.90
N LEU C 256 9.17 -8.77 -3.24
CA LEU C 256 10.58 -8.42 -3.42
C LEU C 256 10.79 -7.55 -4.68
N LYS C 257 9.97 -7.76 -5.70
CA LYS C 257 10.07 -6.95 -6.91
C LYS C 257 9.55 -5.54 -6.66
N ASP C 258 8.49 -5.41 -5.87
CA ASP C 258 7.86 -4.10 -5.68
C ASP C 258 8.48 -3.27 -4.57
N HIS C 259 9.07 -3.94 -3.57
CA HIS C 259 9.44 -3.22 -2.35
C HIS C 259 10.88 -3.40 -1.88
N ALA C 260 11.66 -4.17 -2.62
CA ALA C 260 13.09 -4.22 -2.38
C ALA C 260 13.83 -3.48 -3.51
N SER C 261 15.08 -3.11 -3.28
CA SER C 261 15.89 -2.50 -4.35
C SER C 261 17.15 -3.32 -4.59
N SER C 262 17.61 -3.34 -5.84
CA SER C 262 18.78 -4.15 -6.23
C SER C 262 20.07 -3.34 -6.17
N MET C 263 21.20 -4.02 -5.90
CA MET C 263 22.48 -3.34 -5.67
C MET C 263 23.55 -3.63 -6.72
N SER C 268 25.59 -11.99 -6.26
CA SER C 268 26.61 -12.02 -5.23
C SER C 268 26.10 -12.06 -3.78
N TRP C 269 24.96 -11.42 -3.51
CA TRP C 269 24.30 -11.61 -2.21
C TRP C 269 23.70 -13.01 -2.18
N PRO C 270 24.10 -13.83 -1.22
CA PRO C 270 23.55 -15.18 -1.07
C PRO C 270 22.07 -15.19 -0.64
N VAL C 271 21.43 -16.35 -0.78
CA VAL C 271 20.09 -16.58 -0.27
C VAL C 271 20.28 -17.62 0.83
N VAL C 272 19.70 -17.38 2.01
CA VAL C 272 19.78 -18.34 3.09
C VAL C 272 18.39 -18.89 3.40
N GLY C 273 18.29 -20.21 3.51
CA GLY C 273 17.03 -20.87 3.84
C GLY C 273 17.27 -21.81 5.00
N GLN C 274 16.32 -21.83 5.93
CA GLN C 274 16.52 -22.51 7.22
C GLN C 274 15.16 -23.09 7.68
N PHE C 275 15.09 -24.41 7.88
CA PHE C 275 13.81 -25.10 7.99
C PHE C 275 13.99 -26.43 8.77
N SER C 276 12.88 -27.08 9.10
CA SER C 276 12.94 -28.30 9.90
C SER C 276 12.28 -29.50 9.18
N SER C 277 11.71 -29.25 8.01
CA SER C 277 11.13 -30.32 7.23
C SER C 277 11.52 -30.11 5.76
N VAL C 278 11.69 -31.21 5.03
CA VAL C 278 12.19 -31.17 3.66
C VAL C 278 11.27 -32.01 2.80
N GLY C 279 10.68 -31.42 1.77
CA GLY C 279 9.84 -32.16 0.86
C GLY C 279 10.66 -32.82 -0.25
N SER C 280 9.97 -33.45 -1.20
CA SER C 280 10.60 -34.06 -2.36
C SER C 280 10.79 -33.01 -3.47
N LEU C 281 12.03 -32.64 -3.73
CA LEU C 281 12.29 -31.48 -4.58
C LEU C 281 12.56 -31.80 -6.07
N GLY C 282 12.67 -33.07 -6.41
CA GLY C 282 12.91 -33.47 -7.77
C GLY C 282 14.28 -34.12 -7.97
N ALA C 283 14.43 -34.80 -9.12
CA ALA C 283 15.62 -35.58 -9.46
C ALA C 283 16.91 -34.76 -9.48
N ASP C 284 16.81 -33.44 -9.57
CA ASP C 284 17.98 -32.56 -9.46
C ASP C 284 17.63 -31.11 -9.11
N GLU C 285 18.65 -30.32 -8.84
CA GLU C 285 18.53 -28.92 -8.46
C GLU C 285 17.76 -28.03 -9.45
N SER C 286 17.63 -28.47 -10.69
CA SER C 286 17.05 -27.63 -11.74
C SER C 286 15.56 -27.85 -11.94
N LYS C 287 15.00 -28.83 -11.26
CA LYS C 287 13.57 -29.09 -11.39
C LYS C 287 12.71 -28.08 -10.63
N TRP C 288 13.23 -27.57 -9.50
CA TRP C 288 12.47 -26.67 -8.63
C TRP C 288 13.33 -25.76 -7.74
N LEU C 289 14.29 -26.34 -7.03
CA LEU C 289 15.08 -25.59 -6.06
C LEU C 289 15.77 -24.37 -6.66
N CYS C 290 16.64 -24.59 -7.61
CA CYS C 290 17.39 -23.50 -8.23
C CYS C 290 16.60 -22.81 -9.34
N SER C 291 15.52 -23.44 -9.83
CA SER C 291 14.77 -22.82 -10.92
C SER C 291 13.71 -21.84 -10.45
N GLU C 292 12.55 -22.32 -10.03
CA GLU C 292 11.50 -21.38 -9.64
C GLU C 292 11.72 -20.87 -8.22
N PHE C 293 12.07 -21.75 -7.30
CA PHE C 293 12.21 -21.38 -5.90
C PHE C 293 13.31 -20.35 -5.65
N LYS C 294 14.54 -20.63 -6.09
CA LYS C 294 15.61 -19.67 -5.90
C LYS C 294 15.37 -18.39 -6.71
N GLU C 295 14.76 -18.53 -7.88
CA GLU C 295 14.43 -17.38 -8.73
C GLU C 295 13.60 -16.37 -7.94
N SER C 296 12.59 -16.86 -7.23
CA SER C 296 11.75 -15.97 -6.42
C SER C 296 12.61 -15.32 -5.33
N MET C 297 13.43 -16.12 -4.67
CA MET C 297 14.17 -15.66 -3.52
C MET C 297 15.26 -14.65 -3.85
N LEU C 298 15.81 -14.72 -5.06
CA LEU C 298 16.87 -13.78 -5.44
C LEU C 298 16.35 -12.50 -6.11
N THR C 299 15.03 -12.41 -6.24
CA THR C 299 14.40 -11.20 -6.75
C THR C 299 14.64 -9.98 -5.85
N LEU C 300 14.89 -8.84 -6.48
CA LEU C 300 15.17 -7.58 -5.81
C LEU C 300 14.89 -6.45 -6.79
N GLY C 301 13.93 -5.59 -6.48
CA GLY C 301 13.64 -4.44 -7.34
C GLY C 301 13.10 -4.74 -8.72
N VAL C 312 24.75 -17.32 -7.92
CA VAL C 312 24.17 -16.88 -6.66
C VAL C 312 24.11 -18.04 -5.66
N PRO C 313 24.86 -17.92 -4.56
CA PRO C 313 24.99 -19.02 -3.59
C PRO C 313 23.71 -19.27 -2.80
N LEU C 314 23.34 -20.53 -2.65
CA LEU C 314 22.22 -20.94 -1.81
C LEU C 314 22.75 -21.72 -0.61
N TYR C 315 22.56 -21.16 0.59
CA TYR C 315 22.86 -21.88 1.84
C TYR C 315 21.57 -22.41 2.46
N LEU C 316 21.53 -23.73 2.69
CA LEU C 316 20.40 -24.36 3.38
C LEU C 316 20.85 -24.85 4.76
N ILE C 317 20.16 -24.40 5.81
CA ILE C 317 20.55 -24.76 7.16
C ILE C 317 19.56 -25.80 7.65
N TYR C 318 20.07 -26.98 8.01
CA TYR C 318 19.26 -28.13 8.40
C TYR C 318 20.10 -28.99 9.32
N PRO C 319 19.58 -29.37 10.49
CA PRO C 319 20.38 -30.11 11.47
C PRO C 319 20.99 -31.44 10.92
N SER C 320 22.26 -31.66 11.28
CA SER C 320 22.95 -32.90 10.93
C SER C 320 22.56 -33.87 12.02
N VAL C 321 22.90 -35.15 11.84
CA VAL C 321 22.69 -36.15 12.86
C VAL C 321 23.44 -35.78 14.15
N GLU C 322 24.68 -35.31 13.99
CA GLU C 322 25.47 -34.84 15.13
C GLU C 322 24.82 -33.69 15.88
N ASN C 323 24.24 -32.71 15.16
CA ASN C 323 23.50 -31.62 15.81
C ASN C 323 22.41 -32.15 16.74
N VAL C 324 21.60 -33.06 16.22
CA VAL C 324 20.50 -33.65 16.98
C VAL C 324 21.01 -34.50 18.14
N ARG C 325 21.98 -35.36 17.84
CA ARG C 325 22.49 -36.28 18.86
C ARG C 325 22.97 -35.55 20.11
N THR C 326 23.64 -34.42 19.90
CA THR C 326 24.25 -33.74 21.05
C THR C 326 23.39 -32.60 21.57
N SER C 327 22.11 -32.59 21.17
CA SER C 327 21.23 -31.47 21.54
C SER C 327 20.71 -31.61 22.97
N LEU C 328 20.02 -30.60 23.47
CA LEU C 328 19.40 -30.69 24.78
C LEU C 328 18.40 -31.83 24.89
N GLU C 329 17.70 -32.13 23.79
CA GLU C 329 16.69 -33.19 23.77
C GLU C 329 17.30 -34.56 23.43
N GLY C 330 18.41 -34.53 22.70
CA GLY C 330 18.94 -35.72 22.10
C GLY C 330 18.16 -36.10 20.84
N TYR C 331 18.24 -37.38 20.51
CA TYR C 331 17.57 -37.93 19.32
C TYR C 331 16.07 -37.61 19.22
N PRO C 332 15.32 -37.58 20.32
CA PRO C 332 13.90 -37.20 20.24
C PRO C 332 13.65 -35.81 19.63
N ALA C 333 14.68 -34.96 19.53
CA ALA C 333 14.50 -33.70 18.81
C ALA C 333 14.14 -34.08 17.39
N GLY C 334 14.61 -35.26 16.99
CA GLY C 334 14.46 -35.74 15.64
C GLY C 334 13.02 -36.06 15.31
N GLY C 335 12.16 -36.16 16.33
CA GLY C 335 10.75 -36.39 16.08
C GLY C 335 10.09 -35.19 15.41
N SER C 336 10.74 -34.03 15.49
CA SER C 336 10.18 -32.79 14.92
C SER C 336 10.97 -32.31 13.68
N LEU C 337 11.82 -33.20 13.18
CA LEU C 337 12.61 -32.98 11.99
C LEU C 337 12.29 -34.13 11.04
N PRO C 338 11.07 -34.14 10.48
CA PRO C 338 10.55 -35.33 9.81
C PRO C 338 11.03 -35.51 8.36
N TYR C 339 12.34 -35.47 8.14
CA TYR C 339 12.93 -35.82 6.86
C TYR C 339 13.05 -37.35 6.81
N SER C 340 12.30 -37.97 5.92
CA SER C 340 12.27 -39.42 5.85
C SER C 340 13.24 -39.95 4.78
N ILE C 341 13.76 -41.18 4.98
CA ILE C 341 14.73 -41.77 4.04
C ILE C 341 14.20 -41.92 2.60
N GLN C 342 12.90 -42.20 2.46
CA GLN C 342 12.24 -42.29 1.16
C GLN C 342 12.42 -41.00 0.36
N THR C 343 12.31 -39.86 1.05
CA THR C 343 12.48 -38.59 0.39
C THR C 343 13.96 -38.33 0.15
N ALA C 344 14.77 -38.55 1.18
CA ALA C 344 16.21 -38.25 1.06
C ALA C 344 16.89 -39.05 -0.05
N GLU C 345 16.57 -40.32 -0.18
CA GLU C 345 17.29 -41.15 -1.14
C GLU C 345 16.99 -40.69 -2.58
N LYS C 346 15.87 -40.01 -2.78
CA LYS C 346 15.46 -39.50 -4.09
C LYS C 346 16.26 -38.29 -4.55
N GLN C 347 17.08 -37.73 -3.67
CA GLN C 347 17.59 -36.37 -3.89
C GLN C 347 18.92 -36.11 -3.17
N ASN C 348 19.78 -37.10 -3.16
CA ASN C 348 21.08 -36.93 -2.54
C ASN C 348 21.82 -35.66 -3.01
N TRP C 349 21.50 -35.17 -4.20
CA TRP C 349 22.10 -33.92 -4.68
C TRP C 349 21.95 -32.79 -3.68
N LEU C 350 20.76 -32.70 -3.06
CA LEU C 350 20.41 -31.58 -2.18
C LEU C 350 21.37 -31.38 -1.02
N HIS C 351 21.92 -32.47 -0.51
CA HIS C 351 22.65 -32.40 0.76
C HIS C 351 24.00 -31.69 0.66
N SER C 352 24.43 -31.41 -0.57
CA SER C 352 25.62 -30.59 -0.78
C SER C 352 25.37 -29.18 -0.28
N TYR C 353 24.11 -28.76 -0.27
CA TYR C 353 23.74 -27.40 0.13
C TYR C 353 23.58 -27.27 1.63
N PHE C 354 23.63 -28.39 2.34
CA PHE C 354 23.23 -28.37 3.74
C PHE C 354 24.33 -27.83 4.64
N HIS C 355 23.93 -27.01 5.59
CA HIS C 355 24.83 -26.43 6.55
C HIS C 355 24.31 -26.76 7.93
N LYS C 356 25.19 -26.79 8.93
CA LYS C 356 24.87 -27.22 10.28
C LYS C 356 24.03 -26.17 10.98
N TRP C 357 23.26 -26.61 11.97
CA TRP C 357 22.66 -25.71 12.91
C TRP C 357 23.75 -25.22 13.83
N SER C 358 23.89 -23.91 13.90
CA SER C 358 24.83 -23.32 14.82
C SER C 358 24.25 -21.98 15.25
N ALA C 359 24.09 -21.78 16.56
CA ALA C 359 23.41 -20.59 17.07
C ALA C 359 24.05 -20.09 18.36
N GLU C 360 25.37 -20.00 18.38
CA GLU C 360 26.09 -19.46 19.53
C GLU C 360 25.63 -18.06 19.85
N THR C 361 25.36 -17.27 18.80
CA THR C 361 24.86 -15.91 18.96
C THR C 361 23.67 -15.86 19.92
N SER C 362 22.80 -16.88 19.91
CA SER C 362 21.65 -16.84 20.81
C SER C 362 21.69 -17.91 21.89
N GLY C 363 22.83 -18.58 22.01
CA GLY C 363 23.01 -19.62 23.00
C GLY C 363 22.18 -20.88 22.72
N ARG C 364 21.91 -21.16 21.44
CA ARG C 364 20.93 -22.19 21.10
C ARG C 364 21.45 -23.25 20.11
N SER C 365 22.76 -23.44 20.05
CA SER C 365 23.31 -24.48 19.18
C SER C 365 22.79 -25.86 19.56
N ASN C 366 22.39 -26.01 20.82
CA ASN C 366 21.86 -27.28 21.31
C ASN C 366 20.32 -27.29 21.39
N ALA C 367 19.69 -26.20 20.99
CA ALA C 367 18.23 -26.12 20.95
C ALA C 367 17.79 -26.30 19.50
N MET C 368 17.39 -27.51 19.12
CA MET C 368 17.18 -27.82 17.72
C MET C 368 16.13 -26.90 17.10
N PRO C 369 16.36 -26.47 15.86
CA PRO C 369 15.45 -25.53 15.21
C PRO C 369 14.11 -26.11 14.81
N HIS C 370 13.03 -25.46 15.23
CA HIS C 370 11.76 -25.69 14.59
C HIS C 370 11.28 -24.38 13.92
N ILE C 371 12.01 -23.30 14.16
CA ILE C 371 11.80 -22.05 13.42
C ILE C 371 12.07 -22.29 11.94
N LYS C 372 11.49 -21.48 11.06
CA LYS C 372 11.86 -21.48 9.64
C LYS C 372 12.07 -20.02 9.21
N THR C 373 13.18 -19.75 8.54
CA THR C 373 13.57 -18.41 8.16
C THR C 373 14.20 -18.42 6.77
N TYR C 374 14.04 -17.30 6.06
CA TYR C 374 14.71 -17.11 4.79
C TYR C 374 15.19 -15.68 4.78
N MET C 375 16.36 -15.44 4.18
CA MET C 375 16.95 -14.10 4.18
C MET C 375 18.01 -13.91 3.10
N ARG C 376 18.44 -12.65 2.90
CA ARG C 376 19.30 -12.30 1.80
C ARG C 376 20.42 -11.44 2.33
N PRO C 377 21.46 -12.10 2.84
CA PRO C 377 22.56 -11.38 3.46
C PRO C 377 23.51 -10.87 2.37
N SER C 378 24.27 -9.84 2.71
CA SER C 378 25.34 -9.37 1.83
C SER C 378 26.45 -10.41 1.80
N PRO C 379 27.38 -10.31 0.85
CA PRO C 379 28.47 -11.29 0.71
C PRO C 379 29.33 -11.51 1.96
N ASP C 380 29.42 -10.53 2.84
CA ASP C 380 30.18 -10.73 4.09
C ASP C 380 29.29 -11.00 5.31
N PHE C 381 27.98 -11.14 5.05
CA PHE C 381 26.99 -11.52 6.05
C PHE C 381 26.76 -10.50 7.16
N SER C 382 27.22 -9.27 6.92
CA SER C 382 27.09 -8.18 7.91
C SER C 382 25.77 -7.46 7.77
N LYS C 383 25.12 -7.60 6.63
CA LYS C 383 23.81 -6.99 6.49
C LYS C 383 22.88 -7.87 5.66
N ILE C 384 21.58 -7.54 5.64
CA ILE C 384 20.59 -8.31 4.88
C ILE C 384 19.63 -7.43 4.11
N ALA C 385 19.19 -7.89 2.94
CA ALA C 385 18.19 -7.15 2.17
C ALA C 385 16.77 -7.37 2.70
N TRP C 386 16.56 -8.47 3.42
CA TRP C 386 15.24 -8.78 4.00
C TRP C 386 15.33 -10.02 4.86
N PHE C 387 14.30 -10.24 5.69
CA PHE C 387 14.24 -11.40 6.55
C PHE C 387 12.77 -11.86 6.61
N LEU C 388 12.57 -13.17 6.58
CA LEU C 388 11.26 -13.78 6.64
C LEU C 388 11.27 -14.83 7.74
N VAL C 389 10.33 -14.75 8.68
CA VAL C 389 10.06 -15.85 9.58
C VAL C 389 8.68 -16.38 9.20
N THR C 390 8.53 -17.71 9.10
CA THR C 390 7.30 -18.29 8.56
C THR C 390 7.14 -19.72 9.06
N SER C 391 5.99 -20.30 8.81
CA SER C 391 5.80 -21.71 9.14
C SER C 391 6.27 -22.60 7.98
N ALA C 392 6.55 -21.98 6.83
CA ALA C 392 6.86 -22.70 5.58
C ALA C 392 8.23 -23.38 5.57
N ASN C 393 8.22 -24.70 5.53
CA ASN C 393 9.43 -25.49 5.41
C ASN C 393 9.89 -25.58 3.94
N LEU C 394 10.93 -26.37 3.67
CA LEU C 394 11.46 -26.46 2.31
C LEU C 394 10.74 -27.58 1.60
N SER C 395 9.54 -27.27 1.11
CA SER C 395 8.74 -28.22 0.35
C SER C 395 7.93 -27.49 -0.71
N LYS C 396 7.62 -28.19 -1.78
CA LYS C 396 6.72 -27.67 -2.81
C LYS C 396 5.33 -27.58 -2.23
N ALA C 397 5.03 -28.49 -1.30
CA ALA C 397 3.73 -28.47 -0.65
C ALA C 397 3.45 -27.09 0.00
N ALA C 398 4.48 -26.55 0.64
CA ALA C 398 4.36 -25.30 1.37
C ALA C 398 4.51 -24.07 0.47
N TRP C 399 5.42 -24.15 -0.49
CA TRP C 399 5.79 -22.95 -1.25
C TRP C 399 5.10 -22.79 -2.59
N GLY C 400 4.66 -23.90 -3.18
CA GLY C 400 4.07 -23.89 -4.50
C GLY C 400 4.95 -24.48 -5.58
N ALA C 401 4.36 -25.21 -6.51
CA ALA C 401 5.12 -25.66 -7.68
C ALA C 401 4.36 -25.33 -8.95
N LEU C 402 5.08 -24.92 -9.98
CA LEU C 402 4.45 -24.56 -11.25
C LEU C 402 4.00 -25.82 -11.98
N GLU C 403 2.79 -25.76 -12.54
CA GLU C 403 2.20 -26.87 -13.29
C GLU C 403 1.75 -26.40 -14.68
N LYS C 404 1.18 -27.33 -15.46
CA LYS C 404 0.61 -27.00 -16.78
C LYS C 404 1.45 -25.98 -17.55
N ASN C 405 2.65 -26.38 -17.96
CA ASN C 405 3.52 -25.50 -18.75
C ASN C 405 3.88 -24.18 -18.06
N GLY C 406 3.72 -24.11 -16.74
CA GLY C 406 4.11 -22.93 -15.98
C GLY C 406 3.07 -21.82 -15.93
N THR C 407 1.81 -22.17 -16.09
CA THR C 407 0.73 -21.17 -16.04
C THR C 407 -0.07 -21.32 -14.75
N GLN C 408 0.24 -22.38 -14.00
CA GLN C 408 -0.48 -22.68 -12.78
C GLN C 408 0.50 -22.86 -11.61
N LEU C 409 0.18 -22.25 -10.47
CA LEU C 409 0.94 -22.51 -9.23
C LEU C 409 0.13 -23.42 -8.32
N MET C 410 0.69 -24.57 -8.00
CA MET C 410 -0.02 -25.52 -7.16
C MET C 410 0.55 -25.52 -5.74
N ILE C 411 -0.26 -25.08 -4.79
CA ILE C 411 0.14 -25.14 -3.38
C ILE C 411 -0.73 -26.17 -2.68
N ARG C 412 -0.12 -26.99 -1.82
CA ARG C 412 -0.85 -28.02 -1.08
C ARG C 412 -1.37 -27.58 0.29
N SER C 413 -0.76 -26.55 0.88
CA SER C 413 -0.91 -26.32 2.34
C SER C 413 -1.24 -24.90 2.74
N TYR C 414 -1.69 -24.72 3.97
CA TYR C 414 -1.77 -23.41 4.57
C TYR C 414 -0.43 -23.13 5.26
N GLU C 415 0.16 -21.97 4.96
CA GLU C 415 1.37 -21.47 5.64
C GLU C 415 1.25 -19.98 5.85
N LEU C 416 2.00 -19.42 6.79
CA LEU C 416 1.93 -17.97 7.03
C LEU C 416 3.23 -17.47 7.63
N GLY C 417 3.70 -16.33 7.13
CA GLY C 417 4.91 -15.73 7.66
C GLY C 417 4.87 -14.21 7.56
N VAL C 418 5.81 -13.56 8.25
CA VAL C 418 5.96 -12.11 8.11
C VAL C 418 7.33 -11.78 7.50
N LEU C 419 7.30 -10.90 6.51
CA LEU C 419 8.50 -10.47 5.83
C LEU C 419 8.91 -9.09 6.33
N PHE C 420 10.15 -8.97 6.80
CA PHE C 420 10.67 -7.68 7.23
C PHE C 420 11.46 -7.08 6.08
N LEU C 421 10.98 -5.96 5.57
CA LEU C 421 11.64 -5.23 4.50
C LEU C 421 12.12 -3.88 5.03
N PRO C 422 13.39 -3.59 4.81
CA PRO C 422 13.97 -2.31 5.22
C PRO C 422 13.17 -1.07 4.72
N SER C 423 12.62 -1.14 3.51
CA SER C 423 11.83 -0.03 2.98
C SER C 423 10.63 0.31 3.87
N ALA C 424 10.10 -0.69 4.57
CA ALA C 424 8.97 -0.45 5.45
C ALA C 424 9.42 0.30 6.70
N LEU C 425 10.74 0.38 6.91
CA LEU C 425 11.28 1.22 7.96
C LEU C 425 11.99 2.43 7.36
N GLY C 426 11.96 2.55 6.04
CA GLY C 426 12.59 3.68 5.39
C GLY C 426 14.09 3.51 5.25
N LEU C 427 14.55 2.25 5.32
CA LEU C 427 15.96 1.91 5.13
C LEU C 427 16.17 1.12 3.86
N ASP C 428 17.44 0.83 3.57
CA ASP C 428 17.84 0.07 2.38
C ASP C 428 18.30 -1.37 2.71
N SER C 429 18.63 -1.60 3.98
CA SER C 429 19.16 -2.89 4.39
C SER C 429 19.13 -2.89 5.89
N PHE C 430 19.22 -4.06 6.50
CA PHE C 430 19.39 -4.09 7.95
C PHE C 430 20.81 -4.52 8.24
N LYS C 431 21.43 -3.91 9.24
CA LYS C 431 22.66 -4.47 9.75
C LYS C 431 22.29 -5.70 10.55
N VAL C 432 23.13 -6.73 10.50
CA VAL C 432 22.89 -7.94 11.28
C VAL C 432 23.34 -7.74 12.72
N LYS C 433 22.44 -7.98 13.66
CA LYS C 433 22.86 -7.96 15.06
C LYS C 433 23.76 -9.15 15.28
N GLN C 434 25.04 -8.90 15.59
CA GLN C 434 26.03 -9.96 15.63
C GLN C 434 25.92 -10.80 16.91
N LYS C 435 25.34 -10.19 17.96
CA LYS C 435 25.10 -10.86 19.24
C LYS C 435 23.64 -10.76 19.72
N PHE C 436 22.85 -11.78 19.42
CA PHE C 436 21.42 -11.76 19.73
C PHE C 436 21.16 -11.14 21.11
N ALA C 445 17.02 -0.72 13.23
CA ALA C 445 18.29 -0.58 12.50
C ALA C 445 18.99 -1.93 12.30
N THR C 446 18.99 -2.73 13.36
CA THR C 446 19.82 -3.95 13.40
C THR C 446 18.97 -5.18 13.67
N PHE C 447 18.92 -6.07 12.69
CA PHE C 447 18.03 -7.24 12.78
C PHE C 447 18.59 -8.42 13.58
N PRO C 448 17.82 -8.96 14.54
CA PRO C 448 18.29 -10.06 15.38
C PRO C 448 18.25 -11.45 14.71
N VAL C 449 19.20 -11.71 13.82
CA VAL C 449 19.34 -13.02 13.22
C VAL C 449 19.66 -14.00 14.34
N PRO C 450 18.84 -15.05 14.49
CA PRO C 450 18.93 -15.93 15.66
C PRO C 450 20.01 -17.04 15.62
N TYR C 451 20.61 -17.28 14.47
CA TYR C 451 21.69 -18.26 14.37
C TYR C 451 22.96 -17.64 13.78
N ASP C 452 24.06 -18.37 13.89
CA ASP C 452 25.37 -17.86 13.51
C ASP C 452 25.57 -17.67 12.00
N LEU C 453 26.36 -16.67 11.64
CA LEU C 453 26.74 -16.45 10.24
C LEU C 453 28.26 -16.27 10.11
N PRO C 454 28.84 -16.69 8.98
CA PRO C 454 28.10 -17.40 7.93
C PRO C 454 27.76 -18.79 8.42
N PRO C 455 26.89 -19.51 7.74
CA PRO C 455 26.53 -20.88 8.14
C PRO C 455 27.69 -21.83 7.84
N GLU C 456 27.85 -22.88 8.65
CA GLU C 456 28.93 -23.85 8.45
C GLU C 456 28.52 -25.09 7.65
N LEU C 457 29.28 -25.36 6.60
CA LEU C 457 29.08 -26.52 5.73
C LEU C 457 29.15 -27.84 6.50
N TYR C 458 28.32 -28.80 6.15
CA TYR C 458 28.47 -30.16 6.68
C TYR C 458 29.93 -30.62 6.52
N GLY C 459 30.51 -31.21 7.57
CA GLY C 459 31.75 -31.94 7.45
C GLY C 459 31.57 -33.13 6.51
N SER C 460 32.66 -33.81 6.17
CA SER C 460 32.57 -34.96 5.28
C SER C 460 31.91 -36.16 5.95
N LYS C 461 32.05 -36.27 7.27
CA LYS C 461 31.32 -37.33 7.98
C LYS C 461 29.91 -36.93 8.47
N ASP C 462 29.43 -35.76 8.04
CA ASP C 462 28.11 -35.30 8.47
C ASP C 462 27.02 -35.86 7.59
N ARG C 463 25.86 -36.04 8.20
CA ARG C 463 24.68 -36.51 7.49
C ARG C 463 23.49 -35.69 7.93
N PRO C 464 22.56 -35.45 7.02
CA PRO C 464 21.32 -34.74 7.37
C PRO C 464 20.52 -35.63 8.30
N TRP C 465 19.95 -35.06 9.37
CA TRP C 465 19.09 -35.87 10.22
C TRP C 465 17.95 -36.45 9.39
N ILE C 466 17.83 -37.78 9.41
CA ILE C 466 16.68 -38.46 8.82
C ILE C 466 15.92 -39.22 9.92
N TRP C 467 14.63 -38.92 10.09
CA TRP C 467 13.93 -39.34 11.29
C TRP C 467 13.54 -40.80 11.39
N ASN C 468 13.45 -41.51 10.27
CA ASN C 468 12.95 -42.88 10.31
C ASN C 468 13.98 -43.95 9.96
N ILE C 469 15.25 -43.66 10.23
CA ILE C 469 16.26 -44.69 10.28
C ILE C 469 16.89 -44.68 11.67
N PRO C 470 17.49 -45.80 12.05
CA PRO C 470 18.07 -45.94 13.38
C PRO C 470 19.48 -45.35 13.52
N TYR C 471 19.81 -44.88 14.70
CA TYR C 471 21.14 -44.36 15.03
C TYR C 471 21.47 -45.08 16.30
N VAL C 472 22.41 -46.03 16.21
CA VAL C 472 22.69 -46.95 17.32
C VAL C 472 24.18 -47.06 17.60
N LYS C 473 24.98 -46.33 16.85
CA LYS C 473 26.43 -46.43 17.00
C LYS C 473 26.91 -45.52 18.12
N ALA C 474 26.17 -44.44 18.37
CA ALA C 474 26.57 -43.46 19.36
C ALA C 474 25.32 -43.00 20.12
N PRO C 475 25.43 -42.96 21.43
CA PRO C 475 24.33 -42.54 22.27
C PRO C 475 24.22 -41.01 22.30
N ASP C 476 23.04 -40.51 22.63
CA ASP C 476 22.79 -39.08 22.61
C ASP C 476 23.00 -38.50 24.00
N THR C 477 22.69 -37.22 24.13
CA THR C 477 22.78 -36.49 25.38
C THR C 477 22.29 -37.26 26.60
N HIS C 478 21.27 -38.09 26.43
CA HIS C 478 20.69 -38.76 27.59
C HIS C 478 21.05 -40.25 27.67
N GLY C 479 22.09 -40.65 26.94
CA GLY C 479 22.51 -42.05 26.90
C GLY C 479 21.58 -43.00 26.14
N ASN C 480 20.76 -42.44 25.27
CA ASN C 480 19.79 -43.21 24.53
C ASN C 480 20.16 -43.34 23.07
N MET C 481 19.63 -44.38 22.44
CA MET C 481 19.76 -44.58 21.00
C MET C 481 18.43 -44.20 20.36
N TRP C 482 18.34 -44.34 19.05
CA TRP C 482 17.15 -44.01 18.30
C TRP C 482 16.83 -45.13 17.32
N VAL C 483 15.72 -45.82 17.58
CA VAL C 483 15.29 -46.92 16.73
C VAL C 483 13.81 -46.76 16.46
N PRO C 484 13.49 -46.09 15.35
CA PRO C 484 12.11 -45.75 15.01
C PRO C 484 11.39 -46.99 14.50
N SER C 485 10.29 -47.38 15.12
CA SER C 485 9.60 -48.60 14.73
C SER C 485 8.43 -48.97 15.63
N ASN D 39 -14.56 15.44 9.61
CA ASN D 39 -14.70 15.34 8.13
C ASN D 39 -13.44 14.73 7.48
N PRO D 40 -13.62 13.59 6.85
CA PRO D 40 -12.48 12.81 6.38
C PRO D 40 -11.96 13.31 5.04
N PHE D 41 -12.72 14.12 4.32
CA PHE D 41 -12.32 14.41 2.95
C PHE D 41 -11.32 15.55 2.81
N GLN D 42 -11.52 16.60 3.59
CA GLN D 42 -10.68 17.80 3.54
C GLN D 42 -10.67 18.41 2.13
N PHE D 43 -11.83 18.36 1.48
CA PHE D 43 -12.02 18.96 0.17
C PHE D 43 -12.79 20.28 0.39
N TYR D 44 -12.23 21.39 -0.07
CA TYR D 44 -12.85 22.70 0.11
C TYR D 44 -12.93 23.42 -1.22
N LEU D 45 -13.79 24.42 -1.30
CA LEU D 45 -13.90 25.30 -2.45
C LEU D 45 -13.26 26.59 -2.02
N THR D 46 -12.86 27.40 -3.00
CA THR D 46 -12.34 28.71 -2.67
C THR D 46 -13.50 29.66 -2.41
N ARG D 47 -13.19 30.70 -1.66
CA ARG D 47 -14.13 31.78 -1.36
C ARG D 47 -14.54 32.43 -2.67
N VAL D 48 -15.81 32.79 -2.79
CA VAL D 48 -16.26 33.54 -3.95
C VAL D 48 -16.85 34.86 -3.49
N SER D 49 -16.26 35.97 -3.95
CA SER D 49 -16.79 37.29 -3.59
C SER D 49 -18.13 37.48 -4.25
N GLY D 50 -19.13 37.79 -3.45
CA GLY D 50 -20.41 38.14 -4.01
C GLY D 50 -21.50 37.23 -3.50
N VAL D 51 -21.22 35.91 -3.45
CA VAL D 51 -22.18 34.96 -2.92
C VAL D 51 -22.55 35.33 -1.48
N LYS D 52 -23.73 34.91 -1.06
CA LYS D 52 -24.16 35.04 0.34
C LYS D 52 -23.16 34.31 1.21
N PRO D 53 -22.89 34.85 2.38
CA PRO D 53 -21.92 34.27 3.32
C PRO D 53 -22.12 32.79 3.60
N LYS D 54 -23.36 32.30 3.57
CA LYS D 54 -23.60 30.89 3.83
C LYS D 54 -22.91 29.98 2.80
N TYR D 55 -22.66 30.51 1.61
CA TYR D 55 -21.95 29.75 0.57
C TYR D 55 -20.45 29.95 0.66
N ASN D 56 -20.02 30.80 1.58
CA ASN D 56 -18.59 30.98 1.84
C ASN D 56 -18.10 30.43 3.19
N SER D 57 -19.02 29.99 4.04
CA SER D 57 -18.63 29.70 5.43
C SER D 57 -17.61 28.54 5.61
N GLY D 58 -17.73 27.48 4.83
CA GLY D 58 -16.69 26.46 4.84
C GLY D 58 -15.76 26.51 3.64
N ALA D 59 -15.62 27.69 3.04
CA ALA D 59 -14.73 27.87 1.89
C ALA D 59 -13.43 28.58 2.29
N LEU D 60 -12.41 28.52 1.44
CA LEU D 60 -11.10 29.03 1.81
C LEU D 60 -10.52 29.98 0.78
N HIS D 61 -10.07 31.13 1.24
CA HIS D 61 -9.25 32.00 0.40
C HIS D 61 -7.80 31.61 0.68
N ILE D 62 -6.89 31.93 -0.24
CA ILE D 62 -5.48 31.68 -0.02
C ILE D 62 -4.95 32.33 1.27
N LYS D 63 -5.48 33.50 1.64
CA LYS D 63 -5.07 34.13 2.91
C LYS D 63 -5.38 33.22 4.08
N ASP D 64 -6.50 32.49 4.00
CA ASP D 64 -6.84 31.54 5.04
C ASP D 64 -5.81 30.42 5.11
N ILE D 65 -5.46 29.87 3.96
CA ILE D 65 -4.59 28.70 3.89
C ILE D 65 -3.24 29.04 4.48
N LEU D 66 -2.82 30.30 4.33
CA LEU D 66 -1.48 30.69 4.72
C LEU D 66 -1.44 31.30 6.11
N SER D 67 -2.58 31.38 6.76
CA SER D 67 -2.62 32.08 8.05
C SER D 67 -1.83 31.35 9.16
N PRO D 68 -1.35 32.09 10.15
CA PRO D 68 -0.68 31.50 11.33
C PRO D 68 -1.51 30.42 12.02
N LEU D 69 -2.84 30.49 11.90
CA LEU D 69 -3.69 29.47 12.48
C LEU D 69 -3.45 28.10 11.83
N PHE D 70 -2.96 28.10 10.58
CA PHE D 70 -2.71 26.82 9.90
C PHE D 70 -1.33 26.26 10.25
N GLY D 71 -0.46 27.11 10.78
CA GLY D 71 0.84 26.65 11.23
C GLY D 71 1.85 27.78 11.12
N THR D 72 2.95 27.66 11.87
CA THR D 72 3.98 28.70 11.86
C THR D 72 4.96 28.49 10.72
N LEU D 73 4.79 29.27 9.65
CA LEU D 73 5.54 29.07 8.43
C LEU D 73 7.05 29.23 8.62
N VAL D 74 7.79 28.32 8.03
CA VAL D 74 9.23 28.38 8.03
C VAL D 74 9.70 28.57 6.59
N SER D 75 8.98 27.94 5.66
CA SER D 75 9.40 27.91 4.27
C SER D 75 8.26 27.34 3.46
N SER D 76 8.17 27.71 2.19
CA SER D 76 7.08 27.23 1.35
C SER D 76 7.53 27.08 -0.10
N ALA D 77 6.89 26.13 -0.79
CA ALA D 77 7.08 25.94 -2.22
C ALA D 77 5.73 26.09 -2.92
N GLN D 78 5.69 26.93 -3.95
CA GLN D 78 4.46 27.17 -4.70
C GLN D 78 4.63 26.64 -6.11
N PHE D 79 4.00 25.49 -6.38
CA PHE D 79 3.97 24.92 -7.73
C PHE D 79 2.77 25.50 -8.48
N ASN D 80 2.99 26.06 -9.65
CA ASN D 80 1.86 26.54 -10.43
C ASN D 80 2.21 26.80 -11.87
N TYR D 81 1.20 27.29 -12.60
CA TYR D 81 1.33 27.62 -14.00
C TYR D 81 1.53 29.12 -14.13
N CYS D 82 0.60 29.90 -13.60
CA CYS D 82 0.64 31.36 -13.66
C CYS D 82 0.81 31.98 -12.29
N PHE D 83 1.66 33.01 -12.23
CA PHE D 83 1.97 33.71 -10.99
C PHE D 83 1.86 35.23 -11.15
N ASP D 84 1.29 35.86 -10.15
CA ASP D 84 1.43 37.28 -9.96
C ASP D 84 2.18 37.42 -8.64
N VAL D 85 3.48 37.71 -8.73
CA VAL D 85 4.37 37.60 -7.57
C VAL D 85 4.07 38.66 -6.55
N ASP D 86 3.87 39.89 -7.01
CA ASP D 86 3.40 40.98 -6.15
C ASP D 86 2.12 40.63 -5.39
N TRP D 87 1.15 40.03 -6.07
CA TRP D 87 -0.09 39.65 -5.38
C TRP D 87 0.10 38.47 -4.41
N LEU D 88 0.88 37.49 -4.84
CA LEU D 88 1.14 36.29 -4.05
C LEU D 88 1.76 36.60 -2.67
N VAL D 89 2.82 37.39 -2.67
CA VAL D 89 3.46 37.84 -1.43
C VAL D 89 2.45 38.49 -0.48
N LYS D 90 1.52 39.27 -1.02
CA LYS D 90 0.52 39.92 -0.18
C LYS D 90 -0.47 38.92 0.44
N GLN D 91 -0.51 37.69 -0.06
CA GLN D 91 -1.42 36.69 0.54
C GLN D 91 -0.80 36.04 1.77
N TYR D 92 0.51 36.07 1.89
CA TYR D 92 1.15 35.57 3.10
C TYR D 92 0.93 36.64 4.16
N PRO D 93 0.67 36.23 5.41
CA PRO D 93 0.59 37.19 6.52
C PRO D 93 1.89 37.99 6.65
N PRO D 94 1.77 39.26 7.06
CA PRO D 94 2.91 40.17 7.18
C PRO D 94 4.09 39.51 7.88
N GLU D 95 3.81 38.78 8.97
CA GLU D 95 4.87 38.13 9.72
C GLU D 95 5.59 36.99 8.97
N PHE D 96 4.99 36.47 7.89
CA PHE D 96 5.60 35.35 7.17
C PHE D 96 6.18 35.78 5.82
N ARG D 97 6.04 37.06 5.50
CA ARG D 97 6.40 37.55 4.17
C ARG D 97 7.87 37.52 3.81
N LYS D 98 8.76 37.32 4.78
CA LYS D 98 10.17 37.21 4.46
C LYS D 98 10.71 35.77 4.49
N LYS D 99 9.90 34.79 4.88
CA LYS D 99 10.33 33.39 4.82
C LYS D 99 10.59 32.99 3.37
N PRO D 100 11.52 32.06 3.15
CA PRO D 100 11.83 31.60 1.80
C PRO D 100 10.60 31.07 1.07
N ILE D 101 10.41 31.52 -0.17
CA ILE D 101 9.39 30.97 -1.06
C ILE D 101 10.08 30.42 -2.29
N LEU D 102 9.77 29.20 -2.68
CA LEU D 102 10.21 28.67 -3.96
C LEU D 102 9.04 28.67 -4.94
N LEU D 103 9.21 29.30 -6.10
CA LEU D 103 8.21 29.26 -7.14
C LEU D 103 8.64 28.20 -8.15
N VAL D 104 7.82 27.16 -8.30
CA VAL D 104 8.11 26.13 -9.28
C VAL D 104 7.20 26.35 -10.49
N HIS D 105 7.81 26.67 -11.62
CA HIS D 105 7.06 27.08 -12.81
C HIS D 105 7.61 26.35 -14.02
N GLY D 106 7.05 26.62 -15.20
CA GLY D 106 7.57 26.02 -16.41
C GLY D 106 7.88 27.04 -17.51
N ASP D 107 7.92 28.32 -17.16
CA ASP D 107 8.07 29.40 -18.13
C ASP D 107 9.43 29.29 -18.83
N LYS D 108 9.44 29.69 -20.09
CA LYS D 108 10.64 29.65 -20.92
C LYS D 108 10.87 31.00 -21.60
N ARG D 109 12.13 31.35 -21.84
CA ARG D 109 12.46 32.51 -22.67
C ARG D 109 11.94 33.83 -22.12
N GLU D 110 11.02 34.47 -22.85
CA GLU D 110 10.57 35.81 -22.49
C GLU D 110 9.69 35.79 -21.24
N ALA D 111 8.83 34.79 -21.17
CA ALA D 111 7.94 34.63 -20.03
C ALA D 111 8.77 34.37 -18.77
N LYS D 112 9.78 33.51 -18.89
CA LYS D 112 10.73 33.26 -17.83
C LYS D 112 11.37 34.57 -17.34
N ALA D 113 11.81 35.38 -18.30
CA ALA D 113 12.40 36.67 -18.02
C ALA D 113 11.44 37.57 -17.27
N HIS D 114 10.16 37.54 -17.62
CA HIS D 114 9.17 38.37 -16.91
C HIS D 114 8.96 37.86 -15.49
N LEU D 115 8.92 36.54 -15.35
CA LEU D 115 8.75 35.93 -14.03
C LEU D 115 9.90 36.27 -13.11
N HIS D 116 11.12 36.16 -13.63
CA HIS D 116 12.31 36.52 -12.86
C HIS D 116 12.27 37.99 -12.46
N ALA D 117 11.89 38.85 -13.39
CA ALA D 117 11.77 40.28 -13.09
C ALA D 117 10.71 40.55 -12.01
N GLN D 118 9.66 39.73 -11.95
CA GLN D 118 8.61 39.84 -10.93
C GLN D 118 9.16 39.50 -9.54
N ALA D 119 10.00 38.48 -9.49
CA ALA D 119 10.51 37.97 -8.22
C ALA D 119 11.71 38.75 -7.70
N LYS D 120 12.46 39.37 -8.62
CA LYS D 120 13.68 40.12 -8.28
C LYS D 120 13.63 40.99 -7.02
N PRO D 121 12.61 41.83 -6.87
CA PRO D 121 12.52 42.70 -5.70
C PRO D 121 12.45 41.95 -4.38
N TYR D 122 12.09 40.68 -4.43
CA TYR D 122 11.91 39.91 -3.20
C TYR D 122 13.04 38.90 -3.00
N GLU D 123 13.97 39.29 -2.14
CA GLU D 123 15.18 38.52 -1.89
C GLU D 123 14.94 37.12 -1.32
N ASN D 124 13.80 36.92 -0.66
CA ASN D 124 13.45 35.60 -0.13
C ASN D 124 12.83 34.64 -1.17
N ILE D 125 12.68 35.08 -2.42
CA ILE D 125 12.07 34.23 -3.42
C ILE D 125 13.08 33.65 -4.39
N SER D 126 13.06 32.32 -4.55
CA SER D 126 13.85 31.67 -5.60
C SER D 126 12.86 31.07 -6.57
N LEU D 127 13.35 30.74 -7.76
CA LEU D 127 12.56 30.11 -8.80
C LEU D 127 13.18 28.79 -9.22
N CYS D 128 12.32 27.82 -9.55
CA CYS D 128 12.76 26.55 -10.13
C CYS D 128 11.98 26.34 -11.44
N GLN D 129 12.72 26.27 -12.54
CA GLN D 129 12.12 26.07 -13.86
C GLN D 129 12.04 24.57 -14.09
N ALA D 130 10.81 24.05 -14.19
CA ALA D 130 10.57 22.65 -14.45
C ALA D 130 10.85 22.41 -15.92
N LYS D 131 11.64 21.38 -16.22
CA LYS D 131 11.94 21.07 -17.60
C LYS D 131 10.70 20.60 -18.35
N LEU D 132 10.51 21.18 -19.53
CA LEU D 132 9.41 20.80 -20.42
C LEU D 132 10.03 20.44 -21.75
N ASP D 133 10.48 19.20 -21.88
CA ASP D 133 11.23 18.82 -23.08
C ASP D 133 10.38 18.32 -24.22
N ILE D 134 9.07 18.32 -24.00
CA ILE D 134 8.16 18.00 -25.08
C ILE D 134 7.33 19.21 -25.36
N ALA D 135 7.15 19.51 -26.64
CA ALA D 135 6.44 20.71 -27.08
C ALA D 135 4.95 20.70 -26.71
N PHE D 136 4.44 21.88 -26.41
CA PHE D 136 3.04 22.05 -26.02
C PHE D 136 2.75 21.48 -24.63
N GLY D 137 3.80 21.21 -23.86
CA GLY D 137 3.67 20.81 -22.48
C GLY D 137 3.60 22.04 -21.60
N THR D 138 3.03 21.89 -20.41
CA THR D 138 3.04 23.00 -19.47
C THR D 138 3.30 22.46 -18.07
N HIS D 139 3.80 23.33 -17.21
CA HIS D 139 3.90 22.95 -15.85
C HIS D 139 2.59 23.42 -15.23
N HIS D 140 1.59 22.55 -15.23
CA HIS D 140 0.25 22.93 -14.85
C HIS D 140 -0.15 22.62 -13.38
N THR D 141 0.58 21.72 -12.73
CA THR D 141 0.35 21.36 -11.32
C THR D 141 0.12 22.57 -10.40
N LYS D 142 -0.90 22.53 -9.54
CA LYS D 142 -1.08 23.56 -8.51
C LYS D 142 -0.91 22.95 -7.11
N MET D 143 0.19 23.27 -6.46
CA MET D 143 0.48 22.64 -5.18
C MET D 143 1.25 23.59 -4.30
N MET D 144 0.95 23.56 -3.00
CA MET D 144 1.76 24.30 -2.03
C MET D 144 2.40 23.29 -1.09
N LEU D 145 3.69 23.42 -0.84
CA LEU D 145 4.34 22.64 0.21
C LEU D 145 4.67 23.69 1.27
N LEU D 146 4.18 23.45 2.48
CA LEU D 146 4.15 24.46 3.52
C LEU D 146 4.87 23.86 4.73
N LEU D 147 6.10 24.32 4.96
CA LEU D 147 6.92 23.82 6.07
C LEU D 147 6.74 24.75 7.25
N TYR D 148 6.32 24.17 8.37
CA TYR D 148 6.04 24.91 9.59
C TYR D 148 7.02 24.47 10.68
N GLU D 149 6.97 25.19 11.78
CA GLU D 149 7.72 24.78 12.95
C GLU D 149 7.08 23.51 13.53
N GLU D 150 5.77 23.40 13.35
CA GLU D 150 4.99 22.31 13.97
C GLU D 150 4.91 21.05 13.07
N GLY D 151 5.36 21.16 11.83
CA GLY D 151 5.31 20.03 10.90
C GLY D 151 5.20 20.47 9.45
N LEU D 152 4.48 19.68 8.66
CA LEU D 152 4.40 19.93 7.22
C LEU D 152 2.96 19.84 6.70
N ARG D 153 2.61 20.68 5.74
CA ARG D 153 1.31 20.54 5.09
C ARG D 153 1.45 20.51 3.57
N VAL D 154 0.65 19.66 2.92
CA VAL D 154 0.63 19.65 1.46
C VAL D 154 -0.75 20.10 1.04
N VAL D 155 -0.81 21.05 0.11
CA VAL D 155 -2.07 21.54 -0.41
C VAL D 155 -2.07 21.33 -1.91
N ILE D 156 -3.03 20.55 -2.43
CA ILE D 156 -3.14 20.34 -3.86
C ILE D 156 -4.44 20.95 -4.31
N HIS D 157 -4.40 21.80 -5.32
CA HIS D 157 -5.56 22.62 -5.68
C HIS D 157 -5.63 22.89 -7.18
N THR D 158 -6.50 23.82 -7.59
CA THR D 158 -6.75 24.06 -9.02
C THR D 158 -6.56 25.51 -9.45
N SER D 159 -6.15 26.38 -8.54
CA SER D 159 -6.11 27.84 -8.82
C SER D 159 -4.72 28.31 -9.17
N ASN D 160 -4.61 29.11 -10.22
CA ASN D 160 -3.36 29.84 -10.45
C ASN D 160 -3.10 30.83 -9.35
N LEU D 161 -1.84 31.26 -9.23
CA LEU D 161 -1.54 32.26 -8.20
C LEU D 161 -1.71 33.66 -8.74
N ILE D 162 -2.94 33.97 -9.16
CA ILE D 162 -3.32 35.32 -9.54
C ILE D 162 -4.64 35.67 -8.87
N HIS D 163 -4.93 36.97 -8.79
CA HIS D 163 -6.10 37.46 -8.07
C HIS D 163 -7.38 36.90 -8.65
N ALA D 164 -7.49 36.91 -9.97
CA ALA D 164 -8.73 36.46 -10.62
C ALA D 164 -9.09 35.01 -10.31
N ASP D 165 -8.09 34.16 -10.05
CA ASP D 165 -8.37 32.76 -9.81
C ASP D 165 -8.97 32.53 -8.43
N TRP D 166 -8.84 33.50 -7.53
CA TRP D 166 -9.36 33.33 -6.16
C TRP D 166 -10.45 34.32 -5.84
N HIS D 167 -10.97 35.01 -6.85
CA HIS D 167 -11.97 36.04 -6.65
C HIS D 167 -13.36 35.45 -6.84
N GLN D 168 -13.70 35.07 -8.06
CA GLN D 168 -15.06 34.65 -8.35
C GLN D 168 -15.17 33.36 -9.18
N LYS D 169 -14.20 32.47 -9.02
CA LYS D 169 -14.27 31.20 -9.74
C LYS D 169 -14.66 30.06 -8.80
N THR D 170 -15.27 29.00 -9.33
CA THR D 170 -15.31 27.76 -8.58
C THR D 170 -13.96 27.02 -8.73
N GLN D 171 -13.27 26.82 -7.60
CA GLN D 171 -11.95 26.17 -7.56
C GLN D 171 -11.96 25.15 -6.43
N GLY D 172 -11.11 24.13 -6.54
CA GLY D 172 -11.07 23.06 -5.56
C GLY D 172 -9.74 23.01 -4.83
N ILE D 173 -9.79 22.60 -3.57
CA ILE D 173 -8.63 22.48 -2.72
C ILE D 173 -8.66 21.17 -1.94
N TRP D 174 -7.52 20.48 -1.83
CA TRP D 174 -7.37 19.39 -0.88
C TRP D 174 -6.34 19.80 0.16
N LEU D 175 -6.71 19.69 1.44
CA LEU D 175 -5.81 20.08 2.53
C LEU D 175 -5.34 18.85 3.28
N SER D 176 -4.03 18.60 3.25
CA SER D 176 -3.49 17.51 4.02
C SER D 176 -3.65 17.84 5.50
N PRO D 177 -3.52 16.81 6.33
CA PRO D 177 -3.34 17.01 7.77
C PRO D 177 -2.02 17.69 8.00
N LEU D 178 -1.86 18.21 9.21
CA LEU D 178 -0.56 18.67 9.67
C LEU D 178 0.28 17.40 9.89
N TYR D 179 1.32 17.21 9.09
CA TYR D 179 2.16 16.03 9.22
C TYR D 179 3.26 16.34 10.22
N PRO D 180 3.40 15.56 11.29
CA PRO D 180 4.46 15.81 12.27
C PRO D 180 5.79 15.30 11.74
N ARG D 181 6.88 15.86 12.27
CA ARG D 181 8.20 15.33 12.04
C ARG D 181 8.27 13.93 12.64
N ILE D 182 9.07 13.06 12.06
CA ILE D 182 9.28 11.74 12.65
C ILE D 182 10.36 11.84 13.75
N ALA D 183 10.11 11.19 14.89
CA ALA D 183 11.01 11.24 16.04
C ALA D 183 12.48 10.94 15.69
N ASP D 184 13.41 11.70 16.28
CA ASP D 184 14.83 11.47 16.08
C ASP D 184 15.20 10.01 16.39
N GLY D 185 16.08 9.45 15.54
CA GLY D 185 16.50 8.06 15.65
C GLY D 185 15.37 7.04 15.72
N THR D 186 14.17 7.42 15.27
CA THR D 186 13.08 6.45 15.16
C THR D 186 13.18 5.75 13.81
N HIS D 187 12.64 4.54 13.73
CA HIS D 187 12.66 3.77 12.48
C HIS D 187 11.25 3.66 11.95
N LYS D 188 10.79 4.71 11.28
CA LYS D 188 9.45 4.72 10.69
C LYS D 188 9.48 5.25 9.27
N SER D 189 8.65 4.67 8.42
CA SER D 189 8.56 5.10 7.04
C SER D 189 7.80 6.42 6.99
N GLY D 190 6.82 6.59 7.87
CA GLY D 190 5.89 7.70 7.79
C GLY D 190 4.98 7.60 6.55
N GLU D 191 4.87 6.38 6.02
CA GLU D 191 4.08 6.11 4.81
C GLU D 191 2.62 5.81 5.17
N SER D 192 1.71 6.07 4.23
CA SER D 192 0.29 5.79 4.44
C SER D 192 -0.09 4.57 3.64
N PRO D 193 -1.23 3.97 3.98
CA PRO D 193 -1.75 2.85 3.22
C PRO D 193 -1.93 3.18 1.72
N THR D 194 -2.10 4.45 1.36
CA THR D 194 -2.27 4.83 -0.05
C THR D 194 -0.93 5.14 -0.71
N HIS D 195 0.16 4.97 0.02
CA HIS D 195 1.52 5.25 -0.49
C HIS D 195 1.76 6.70 -0.92
N PHE D 196 0.96 7.62 -0.39
CA PHE D 196 1.07 9.04 -0.68
C PHE D 196 2.51 9.58 -0.62
N LYS D 197 3.21 9.22 0.45
CA LYS D 197 4.54 9.77 0.70
C LYS D 197 5.53 9.36 -0.40
N ALA D 198 5.67 8.07 -0.65
CA ALA D 198 6.50 7.60 -1.78
C ALA D 198 6.03 8.18 -3.12
N ASN D 199 4.70 8.26 -3.33
CA ASN D 199 4.18 8.79 -4.61
C ASN D 199 4.49 10.27 -4.80
N LEU D 200 4.47 11.04 -3.70
CA LEU D 200 4.77 12.45 -3.77
C LEU D 200 6.25 12.61 -4.04
N ILE D 201 7.06 11.89 -3.27
CA ILE D 201 8.50 11.88 -3.53
C ILE D 201 8.83 11.52 -5.00
N SER D 202 8.22 10.46 -5.55
CA SER D 202 8.45 10.10 -6.97
C SER D 202 8.07 11.23 -7.91
N TYR D 203 6.90 11.81 -7.69
CA TYR D 203 6.48 12.99 -8.44
C TYR D 203 7.59 14.05 -8.42
N LEU D 204 8.06 14.44 -7.25
CA LEU D 204 9.08 15.49 -7.18
C LEU D 204 10.43 15.12 -7.82
N THR D 205 10.77 13.83 -7.73
CA THR D 205 12.02 13.28 -8.28
C THR D 205 12.07 13.38 -9.78
N ALA D 206 10.91 13.29 -10.42
CA ALA D 206 10.86 13.40 -11.87
C ALA D 206 11.31 14.77 -12.37
N TYR D 207 11.34 15.79 -11.51
CA TYR D 207 11.82 17.11 -11.96
C TYR D 207 13.36 17.16 -12.10
N ASN D 208 14.09 16.30 -11.40
CA ASN D 208 15.56 16.35 -11.49
C ASN D 208 16.12 17.74 -11.14
N ALA D 209 15.55 18.35 -10.10
CA ALA D 209 15.87 19.73 -9.74
C ALA D 209 16.40 19.83 -8.30
N PRO D 210 17.52 20.53 -8.13
CA PRO D 210 18.19 20.58 -6.82
C PRO D 210 17.29 21.14 -5.74
N SER D 211 16.57 22.20 -6.04
CA SER D 211 15.75 22.84 -5.02
C SER D 211 14.59 21.94 -4.60
N LEU D 212 14.19 21.02 -5.47
CA LEU D 212 13.11 20.11 -5.13
C LEU D 212 13.63 18.97 -4.26
N LYS D 213 14.91 18.63 -4.42
CA LYS D 213 15.52 17.56 -3.64
C LYS D 213 15.50 17.95 -2.17
N GLU D 214 15.83 19.21 -1.87
CA GLU D 214 15.66 19.73 -0.52
C GLU D 214 14.23 19.52 0.00
N TRP D 215 13.23 19.71 -0.85
CA TRP D 215 11.85 19.48 -0.40
C TRP D 215 11.53 17.99 -0.24
N ILE D 216 12.14 17.16 -1.08
CA ILE D 216 12.05 15.72 -0.91
C ILE D 216 12.61 15.34 0.46
N ASP D 217 13.77 15.89 0.81
CA ASP D 217 14.37 15.60 2.12
C ASP D 217 13.51 16.09 3.27
N VAL D 218 12.85 17.22 3.09
CA VAL D 218 11.83 17.65 4.05
C VAL D 218 10.71 16.61 4.20
N ILE D 219 10.21 16.08 3.09
CA ILE D 219 9.12 15.12 3.16
C ILE D 219 9.55 13.80 3.82
N HIS D 220 10.77 13.33 3.50
CA HIS D 220 11.31 12.09 4.07
C HIS D 220 11.25 12.11 5.60
N LYS D 221 11.47 13.28 6.17
CA LYS D 221 11.55 13.45 7.62
C LYS D 221 10.18 13.66 8.28
N HIS D 222 9.10 13.68 7.49
CA HIS D 222 7.81 13.86 8.12
C HIS D 222 6.97 12.59 8.06
N ASP D 223 6.01 12.52 8.95
CA ASP D 223 5.12 11.38 9.05
C ASP D 223 3.80 11.66 8.32
N LEU D 224 3.64 11.05 7.13
CA LEU D 224 2.45 11.26 6.31
C LEU D 224 1.46 10.09 6.35
N SER D 225 1.61 9.19 7.34
CA SER D 225 0.81 7.98 7.43
C SER D 225 -0.70 8.22 7.49
N GLU D 226 -1.14 9.37 8.00
CA GLU D 226 -2.58 9.60 8.15
C GLU D 226 -3.28 9.95 6.82
N THR D 227 -2.51 10.11 5.75
CA THR D 227 -3.07 10.47 4.44
C THR D 227 -4.02 9.40 3.92
N ASN D 228 -5.24 9.79 3.57
CA ASN D 228 -6.23 8.82 3.09
C ASN D 228 -6.61 8.98 1.61
N VAL D 229 -5.88 9.81 0.87
CA VAL D 229 -6.18 9.95 -0.56
C VAL D 229 -5.01 9.39 -1.38
N TYR D 230 -5.25 9.11 -2.65
CA TYR D 230 -4.23 8.61 -3.56
C TYR D 230 -3.74 9.72 -4.51
N LEU D 231 -2.42 9.80 -4.70
CA LEU D 231 -1.85 10.83 -5.57
C LEU D 231 -1.90 10.40 -7.04
N ILE D 232 -2.40 11.28 -7.92
CA ILE D 232 -2.36 11.01 -9.34
C ILE D 232 -1.59 12.11 -10.02
N GLY D 233 -0.38 11.80 -10.47
CA GLY D 233 0.46 12.80 -11.08
C GLY D 233 0.53 12.62 -12.59
N SER D 234 0.79 13.71 -13.30
CA SER D 234 1.30 13.60 -14.66
C SER D 234 2.66 14.25 -14.66
N THR D 235 3.53 13.77 -15.55
CA THR D 235 4.86 14.32 -15.68
C THR D 235 5.30 14.07 -17.15
N PRO D 236 6.06 14.99 -17.73
CA PRO D 236 6.36 14.90 -19.18
C PRO D 236 7.26 13.70 -19.46
N GLY D 237 6.98 13.01 -20.56
CA GLY D 237 7.80 11.89 -20.96
C GLY D 237 7.08 10.81 -21.73
N ARG D 238 7.85 9.78 -22.08
CA ARG D 238 7.33 8.61 -22.76
C ARG D 238 7.52 7.44 -21.82
N PHE D 239 6.43 6.79 -21.46
CA PHE D 239 6.47 5.81 -20.41
C PHE D 239 6.10 4.44 -20.94
N GLN D 240 6.99 3.48 -20.71
CA GLN D 240 6.83 2.14 -21.22
C GLN D 240 7.00 1.11 -20.10
N GLY D 241 6.64 -0.14 -20.40
CA GLY D 241 6.83 -1.21 -19.45
C GLY D 241 6.14 -0.93 -18.13
N SER D 242 6.90 -1.10 -17.04
CA SER D 242 6.35 -0.95 -15.70
C SER D 242 6.29 0.52 -15.29
N GLN D 243 6.61 1.40 -16.24
CA GLN D 243 6.56 2.84 -15.98
C GLN D 243 5.22 3.37 -16.48
N LYS D 244 4.59 2.63 -17.39
CA LYS D 244 3.33 3.04 -18.00
C LYS D 244 2.25 3.34 -16.96
N ASP D 245 2.30 2.63 -15.84
CA ASP D 245 1.28 2.75 -14.81
C ASP D 245 1.52 3.89 -13.83
N ASN D 246 2.64 4.59 -13.94
CA ASN D 246 3.02 5.58 -12.93
C ASN D 246 2.24 6.90 -13.02
N TRP D 247 1.82 7.25 -14.25
CA TRP D 247 1.33 8.61 -14.56
C TRP D 247 0.06 8.67 -15.42
N GLY D 248 -0.56 9.85 -15.42
CA GLY D 248 -1.70 10.13 -16.30
C GLY D 248 -2.85 9.17 -16.12
N HIS D 249 -3.55 8.86 -17.20
CA HIS D 249 -4.78 8.09 -17.07
C HIS D 249 -4.53 6.63 -16.81
N PHE D 250 -3.32 6.15 -17.08
CA PHE D 250 -2.98 4.77 -16.72
C PHE D 250 -2.70 4.62 -15.23
N ARG D 251 -2.24 5.69 -14.59
CA ARG D 251 -2.13 5.67 -13.14
C ARG D 251 -3.53 5.54 -12.55
N LEU D 252 -4.46 6.30 -13.08
CA LEU D 252 -5.82 6.21 -12.59
C LEU D 252 -6.37 4.81 -12.84
N LYS D 253 -6.20 4.30 -14.04
CA LYS D 253 -6.65 2.94 -14.33
C LYS D 253 -6.10 1.95 -13.29
N LYS D 254 -4.81 2.04 -13.01
CA LYS D 254 -4.15 1.12 -12.08
C LYS D 254 -4.79 1.17 -10.69
N LEU D 255 -4.97 2.38 -10.16
CA LEU D 255 -5.59 2.55 -8.84
C LEU D 255 -7.01 2.03 -8.82
N LEU D 256 -7.74 2.25 -9.92
CA LEU D 256 -9.13 1.82 -9.95
C LEU D 256 -9.21 0.30 -10.06
N LYS D 257 -8.29 -0.29 -10.81
CA LYS D 257 -8.21 -1.75 -10.90
C LYS D 257 -7.87 -2.38 -9.54
N ASP D 258 -6.99 -1.75 -8.76
CA ASP D 258 -6.53 -2.32 -7.49
C ASP D 258 -7.38 -1.98 -6.26
N HIS D 259 -8.02 -0.82 -6.24
CA HIS D 259 -8.63 -0.34 -4.99
C HIS D 259 -10.11 0.04 -5.07
N ALA D 260 -10.68 -0.05 -6.25
CA ALA D 260 -12.12 0.05 -6.41
C ALA D 260 -12.64 -1.38 -6.54
N SER D 261 -13.92 -1.57 -6.30
CA SER D 261 -14.52 -2.88 -6.54
C SER D 261 -15.64 -2.71 -7.52
N SER D 262 -15.83 -3.73 -8.36
CA SER D 262 -16.89 -3.73 -9.35
C SER D 262 -18.23 -4.03 -8.70
N MET D 263 -19.28 -3.37 -9.17
CA MET D 263 -20.61 -3.69 -8.71
C MET D 263 -21.44 -4.23 -9.87
N PRO D 264 -22.61 -4.76 -9.58
CA PRO D 264 -23.51 -5.25 -10.63
C PRO D 264 -24.07 -4.09 -11.44
N ASN D 265 -24.16 -4.27 -12.75
CA ASN D 265 -24.67 -3.24 -13.64
C ASN D 265 -23.75 -2.02 -13.69
N ALA D 266 -22.44 -2.27 -13.56
CA ALA D 266 -21.43 -1.24 -13.72
C ALA D 266 -21.52 -0.54 -15.07
N GLU D 267 -22.05 -1.24 -16.07
CA GLU D 267 -22.20 -0.67 -17.42
C GLU D 267 -23.12 0.55 -17.38
N SER D 268 -23.95 0.62 -16.34
CA SER D 268 -24.87 1.72 -16.26
C SER D 268 -24.42 2.83 -15.30
N TRP D 269 -23.28 2.66 -14.62
CA TRP D 269 -22.70 3.77 -13.84
C TRP D 269 -22.00 4.72 -14.79
N PRO D 270 -22.49 5.96 -14.91
CA PRO D 270 -21.87 6.99 -15.76
C PRO D 270 -20.43 7.38 -15.36
N VAL D 271 -19.71 7.97 -16.32
CA VAL D 271 -18.46 8.65 -16.03
C VAL D 271 -18.75 10.14 -16.21
N VAL D 272 -18.22 10.97 -15.29
CA VAL D 272 -18.34 12.43 -15.39
C VAL D 272 -16.96 13.07 -15.36
N GLY D 273 -16.66 13.91 -16.36
CA GLY D 273 -15.45 14.70 -16.40
C GLY D 273 -15.85 16.17 -16.44
N GLN D 274 -15.13 17.01 -15.70
CA GLN D 274 -15.52 18.41 -15.57
C GLN D 274 -14.22 19.20 -15.60
N PHE D 275 -14.13 20.22 -16.46
CA PHE D 275 -12.84 20.82 -16.79
C PHE D 275 -13.03 22.20 -17.38
N SER D 276 -11.93 22.92 -17.56
CA SER D 276 -12.00 24.30 -18.03
C SER D 276 -11.13 24.52 -19.26
N SER D 277 -10.48 23.46 -19.74
CA SER D 277 -9.70 23.59 -20.96
C SER D 277 -9.85 22.31 -21.75
N VAL D 278 -9.85 22.42 -23.07
CA VAL D 278 -10.12 21.26 -23.92
C VAL D 278 -9.02 21.11 -24.93
N GLY D 279 -8.42 19.92 -24.99
CA GLY D 279 -7.32 19.65 -25.90
C GLY D 279 -7.87 19.20 -27.24
N SER D 280 -7.00 19.07 -28.23
CA SER D 280 -7.37 18.45 -29.50
C SER D 280 -7.44 16.93 -29.32
N LEU D 281 -8.63 16.37 -29.42
CA LEU D 281 -8.82 14.97 -29.06
C LEU D 281 -8.93 14.02 -30.24
N GLY D 282 -8.97 14.57 -31.46
CA GLY D 282 -8.94 13.75 -32.65
C GLY D 282 -10.21 13.82 -33.47
N ALA D 283 -10.15 13.20 -34.65
CA ALA D 283 -11.20 13.34 -35.64
C ALA D 283 -12.55 12.75 -35.24
N ASP D 284 -12.56 11.89 -34.22
CA ASP D 284 -13.81 11.34 -33.67
C ASP D 284 -13.59 10.77 -32.26
N GLU D 285 -14.65 10.31 -31.63
CA GLU D 285 -14.61 9.79 -30.26
C GLU D 285 -13.83 8.49 -30.06
N SER D 286 -13.52 7.78 -31.13
CA SER D 286 -12.81 6.50 -31.00
C SER D 286 -11.29 6.67 -30.97
N LYS D 287 -10.81 7.88 -31.27
CA LYS D 287 -9.36 8.12 -31.30
C LYS D 287 -8.70 8.18 -29.91
N TRP D 288 -9.43 8.60 -28.89
CA TRP D 288 -8.85 8.77 -27.57
C TRP D 288 -9.92 8.82 -26.49
N LEU D 289 -10.91 9.68 -26.72
CA LEU D 289 -11.91 9.93 -25.69
C LEU D 289 -12.61 8.67 -25.24
N CYS D 290 -13.30 8.01 -26.17
CA CYS D 290 -14.11 6.85 -25.84
C CYS D 290 -13.34 5.53 -25.99
N SER D 291 -12.07 5.59 -26.38
CA SER D 291 -11.26 4.37 -26.36
C SER D 291 -10.38 4.35 -25.13
N GLU D 292 -9.16 4.87 -25.22
CA GLU D 292 -8.24 4.80 -24.08
C GLU D 292 -8.64 5.60 -22.82
N PHE D 293 -9.08 6.85 -22.99
CA PHE D 293 -9.45 7.68 -21.83
C PHE D 293 -10.63 7.15 -21.01
N LYS D 294 -11.77 6.95 -21.65
CA LYS D 294 -12.93 6.41 -20.95
C LYS D 294 -12.66 4.99 -20.42
N GLU D 295 -11.87 4.24 -21.19
CA GLU D 295 -11.49 2.89 -20.81
C GLU D 295 -10.78 2.89 -19.44
N SER D 296 -9.89 3.85 -19.25
CA SER D 296 -9.21 4.00 -17.96
C SER D 296 -10.22 4.38 -16.87
N MET D 297 -11.12 5.31 -17.19
CA MET D 297 -12.06 5.84 -16.21
C MET D 297 -13.25 4.95 -15.84
N LEU D 298 -13.59 4.01 -16.69
CA LEU D 298 -14.66 3.08 -16.34
C LEU D 298 -14.12 1.82 -15.65
N THR D 299 -12.81 1.72 -15.51
CA THR D 299 -12.21 0.61 -14.77
C THR D 299 -12.65 0.57 -13.31
N LEU D 300 -13.05 -0.62 -12.88
CA LEU D 300 -13.49 -0.86 -11.51
C LEU D 300 -13.14 -2.30 -11.16
N GLY D 301 -12.02 -2.51 -10.47
CA GLY D 301 -11.62 -3.85 -10.06
C GLY D 301 -10.96 -4.66 -11.16
N SER D 311 -20.43 1.07 -23.70
CA SER D 311 -21.84 1.31 -23.38
C SER D 311 -22.06 2.39 -22.28
N VAL D 312 -21.03 2.60 -21.46
CA VAL D 312 -21.09 3.53 -20.33
C VAL D 312 -21.30 5.00 -20.74
N PRO D 313 -22.32 5.65 -20.17
CA PRO D 313 -22.60 7.06 -20.49
C PRO D 313 -21.44 7.96 -20.03
N LEU D 314 -21.10 8.96 -20.84
CA LEU D 314 -20.06 9.92 -20.50
C LEU D 314 -20.67 11.32 -20.50
N TYR D 315 -20.64 11.97 -19.34
CA TYR D 315 -21.09 13.34 -19.21
C TYR D 315 -19.87 14.24 -19.09
N LEU D 316 -19.75 15.21 -19.99
CA LEU D 316 -18.70 16.21 -19.86
C LEU D 316 -19.30 17.54 -19.48
N ILE D 317 -18.76 18.15 -18.41
CA ILE D 317 -19.23 19.45 -17.96
C ILE D 317 -18.25 20.54 -18.35
N TYR D 318 -18.73 21.50 -19.13
CA TYR D 318 -17.89 22.61 -19.60
C TYR D 318 -18.80 23.79 -19.90
N PRO D 319 -18.43 25.01 -19.47
CA PRO D 319 -19.31 26.17 -19.61
C PRO D 319 -19.77 26.49 -21.04
N SER D 320 -21.07 26.72 -21.18
CA SER D 320 -21.63 27.27 -22.41
C SER D 320 -21.32 28.77 -22.47
N VAL D 321 -21.45 29.35 -23.65
CA VAL D 321 -21.34 30.79 -23.82
C VAL D 321 -22.30 31.53 -22.86
N GLU D 322 -23.54 31.06 -22.75
CA GLU D 322 -24.50 31.63 -21.81
C GLU D 322 -24.11 31.51 -20.32
N ASN D 323 -23.45 30.41 -19.96
CA ASN D 323 -22.89 30.28 -18.61
C ASN D 323 -21.93 31.44 -18.32
N VAL D 324 -21.02 31.66 -19.26
CA VAL D 324 -20.02 32.72 -19.17
C VAL D 324 -20.65 34.13 -19.19
N ARG D 325 -21.49 34.37 -20.19
CA ARG D 325 -22.16 35.67 -20.30
C ARG D 325 -22.85 36.07 -18.98
N THR D 326 -23.55 35.13 -18.37
CA THR D 326 -24.35 35.45 -17.20
C THR D 326 -23.58 35.33 -15.88
N SER D 327 -22.28 35.11 -15.96
CA SER D 327 -21.49 34.78 -14.77
C SER D 327 -21.15 36.00 -13.97
N LEU D 328 -20.58 35.80 -12.78
CA LEU D 328 -20.15 36.93 -11.93
C LEU D 328 -19.18 37.87 -12.65
N GLU D 329 -18.29 37.30 -13.46
CA GLU D 329 -17.25 38.10 -14.14
C GLU D 329 -17.70 38.57 -15.52
N GLY D 330 -18.73 37.94 -16.06
CA GLY D 330 -19.13 38.20 -17.43
C GLY D 330 -18.16 37.51 -18.37
N TYR D 331 -18.10 38.00 -19.59
CA TYR D 331 -17.21 37.47 -20.60
C TYR D 331 -15.73 37.26 -20.19
N PRO D 332 -15.11 38.16 -19.41
CA PRO D 332 -13.73 37.93 -18.95
C PRO D 332 -13.52 36.58 -18.27
N ALA D 333 -14.55 35.99 -17.65
CA ALA D 333 -14.40 34.62 -17.15
C ALA D 333 -13.87 33.72 -18.30
N GLY D 334 -14.23 34.07 -19.54
CA GLY D 334 -13.79 33.29 -20.69
C GLY D 334 -12.28 33.32 -20.96
N GLY D 335 -11.55 34.25 -20.34
CA GLY D 335 -10.10 34.31 -20.49
C GLY D 335 -9.41 33.11 -19.82
N SER D 336 -10.13 32.43 -18.94
CA SER D 336 -9.62 31.28 -18.18
C SER D 336 -10.26 29.99 -18.64
N LEU D 337 -10.92 30.07 -19.79
CA LEU D 337 -11.54 28.92 -20.42
C LEU D 337 -11.04 28.85 -21.86
N PRO D 338 -9.78 28.51 -22.05
CA PRO D 338 -9.09 28.76 -23.34
C PRO D 338 -9.32 27.73 -24.46
N TYR D 339 -10.57 27.35 -24.71
CA TYR D 339 -10.92 26.49 -25.85
C TYR D 339 -10.87 27.37 -27.10
N SER D 340 -10.06 27.01 -28.08
CA SER D 340 -9.90 27.90 -29.23
C SER D 340 -10.71 27.37 -30.42
N ILE D 341 -11.17 28.27 -31.29
CA ILE D 341 -11.95 27.85 -32.46
C ILE D 341 -11.15 26.89 -33.33
N GLN D 342 -9.84 27.11 -33.40
CA GLN D 342 -8.95 26.22 -34.13
C GLN D 342 -9.04 24.78 -33.65
N THR D 343 -9.28 24.58 -32.38
CA THR D 343 -9.37 23.22 -31.88
C THR D 343 -10.79 22.71 -32.02
N ALA D 344 -11.74 23.52 -31.56
CA ALA D 344 -13.16 23.17 -31.60
C ALA D 344 -13.63 22.73 -32.99
N GLU D 345 -13.20 23.43 -34.03
CA GLU D 345 -13.72 23.15 -35.36
C GLU D 345 -13.22 21.81 -35.91
N LYS D 346 -12.13 21.31 -35.32
CA LYS D 346 -11.66 19.95 -35.61
C LYS D 346 -12.51 18.85 -34.95
N GLN D 347 -13.40 19.22 -34.02
CA GLN D 347 -14.03 18.18 -33.20
C GLN D 347 -15.45 18.47 -32.74
N ASN D 348 -16.29 18.96 -33.65
CA ASN D 348 -17.69 19.23 -33.33
C ASN D 348 -18.39 18.04 -32.69
N TRP D 349 -18.06 16.83 -33.15
CA TRP D 349 -18.60 15.60 -32.55
C TRP D 349 -18.58 15.65 -31.01
N LEU D 350 -17.53 16.25 -30.46
CA LEU D 350 -17.32 16.24 -29.02
C LEU D 350 -18.42 17.00 -28.28
N HIS D 351 -19.01 17.98 -28.95
CA HIS D 351 -19.88 18.92 -28.26
C HIS D 351 -21.23 18.33 -27.85
N SER D 352 -21.60 17.21 -28.45
CA SER D 352 -22.86 16.57 -28.09
C SER D 352 -22.71 15.85 -26.74
N TYR D 353 -21.48 15.85 -26.23
CA TYR D 353 -21.19 15.31 -24.90
C TYR D 353 -21.28 16.38 -23.82
N PHE D 354 -21.34 17.65 -24.23
CA PHE D 354 -21.19 18.75 -23.30
C PHE D 354 -22.44 19.05 -22.51
N HIS D 355 -22.26 19.24 -21.21
CA HIS D 355 -23.33 19.68 -20.32
C HIS D 355 -22.96 21.00 -19.66
N LYS D 356 -23.98 21.80 -19.34
CA LYS D 356 -23.83 23.12 -18.76
C LYS D 356 -23.19 23.09 -17.39
N TRP D 357 -22.55 24.18 -17.01
CA TRP D 357 -22.13 24.35 -15.64
C TRP D 357 -23.36 24.73 -14.84
N SER D 358 -23.61 23.99 -13.75
CA SER D 358 -24.68 24.29 -12.83
C SER D 358 -24.23 23.87 -11.42
N ALA D 359 -24.43 24.74 -10.44
CA ALA D 359 -23.88 24.45 -9.13
C ALA D 359 -24.71 25.10 -8.04
N GLU D 360 -26.03 25.00 -8.18
CA GLU D 360 -26.95 25.44 -7.12
C GLU D 360 -26.52 24.85 -5.76
N THR D 361 -26.10 23.59 -5.76
CA THR D 361 -25.75 22.93 -4.51
C THR D 361 -24.77 23.73 -3.67
N SER D 362 -23.95 24.54 -4.32
CA SER D 362 -22.92 25.25 -3.59
C SER D 362 -23.01 26.76 -3.89
N GLY D 363 -24.15 27.18 -4.42
CA GLY D 363 -24.42 28.59 -4.69
C GLY D 363 -23.50 29.17 -5.74
N ARG D 364 -23.03 28.32 -6.65
CA ARG D 364 -21.92 28.70 -7.51
C ARG D 364 -22.17 28.57 -9.01
N SER D 365 -23.44 28.56 -9.43
CA SER D 365 -23.76 28.48 -10.87
C SER D 365 -23.16 29.61 -11.68
N ASN D 366 -23.00 30.78 -11.08
CA ASN D 366 -22.43 31.94 -11.77
C ASN D 366 -20.93 32.16 -11.52
N ALA D 367 -20.32 31.27 -10.73
CA ALA D 367 -18.90 31.34 -10.48
C ALA D 367 -18.23 30.35 -11.41
N MET D 368 -17.72 30.83 -12.54
CA MET D 368 -17.23 29.91 -13.57
C MET D 368 -16.17 28.95 -13.05
N PRO D 369 -16.24 27.69 -13.49
CA PRO D 369 -15.35 26.67 -12.95
C PRO D 369 -13.96 26.77 -13.52
N HIS D 370 -12.98 26.74 -12.63
CA HIS D 370 -11.63 26.52 -13.05
C HIS D 370 -11.15 25.24 -12.33
N ILE D 371 -11.98 24.71 -11.46
CA ILE D 371 -11.76 23.41 -10.86
C ILE D 371 -11.85 22.34 -11.96
N LYS D 372 -11.20 21.19 -11.76
CA LYS D 372 -11.34 20.03 -12.67
C LYS D 372 -11.60 18.82 -11.80
N THR D 373 -12.63 18.03 -12.15
CA THR D 373 -13.01 16.85 -11.38
C THR D 373 -13.49 15.77 -12.31
N TYR D 374 -13.37 14.54 -11.85
CA TYR D 374 -13.77 13.37 -12.57
C TYR D 374 -14.34 12.45 -11.51
N MET D 375 -15.42 11.74 -11.85
CA MET D 375 -16.08 10.88 -10.89
C MET D 375 -16.90 9.78 -11.55
N ARG D 376 -17.28 8.78 -10.76
CA ARG D 376 -18.08 7.69 -11.26
C ARG D 376 -19.37 7.54 -10.45
N PRO D 377 -20.40 8.29 -10.82
CA PRO D 377 -21.67 8.24 -10.11
C PRO D 377 -22.44 6.95 -10.37
N SER D 378 -23.36 6.60 -9.47
CA SER D 378 -24.31 5.51 -9.74
C SER D 378 -25.38 5.99 -10.77
N PRO D 379 -26.21 5.10 -11.30
CA PRO D 379 -27.22 5.49 -12.31
C PRO D 379 -28.17 6.62 -11.89
N ASP D 380 -28.54 6.68 -10.61
CA ASP D 380 -29.40 7.77 -10.15
C ASP D 380 -28.61 8.90 -9.49
N PHE D 381 -27.28 8.88 -9.65
CA PHE D 381 -26.40 9.95 -9.21
C PHE D 381 -26.44 10.22 -7.72
N SER D 382 -26.94 9.24 -6.94
CA SER D 382 -27.08 9.40 -5.49
C SER D 382 -25.80 8.96 -4.78
N LYS D 383 -24.95 8.24 -5.47
CA LYS D 383 -23.69 7.83 -4.86
C LYS D 383 -22.56 7.80 -5.89
N ILE D 384 -21.32 7.70 -5.44
CA ILE D 384 -20.22 7.60 -6.40
C ILE D 384 -19.19 6.55 -5.96
N ALA D 385 -18.55 5.91 -6.95
CA ALA D 385 -17.56 4.90 -6.63
C ALA D 385 -16.18 5.53 -6.37
N TRP D 386 -16.02 6.80 -6.74
CA TRP D 386 -14.81 7.57 -6.48
C TRP D 386 -14.95 8.99 -7.01
N PHE D 387 -14.04 9.87 -6.59
CA PHE D 387 -14.07 11.26 -7.02
C PHE D 387 -12.62 11.70 -7.13
N LEU D 388 -12.31 12.50 -8.16
CA LEU D 388 -10.95 12.97 -8.36
C LEU D 388 -10.98 14.48 -8.54
N VAL D 389 -10.19 15.21 -7.74
CA VAL D 389 -9.94 16.61 -8.01
C VAL D 389 -8.48 16.73 -8.44
N THR D 390 -8.27 17.49 -9.50
CA THR D 390 -6.97 17.53 -10.16
C THR D 390 -6.77 18.84 -10.94
N SER D 391 -5.53 19.12 -11.35
CA SER D 391 -5.25 20.22 -12.26
C SER D 391 -5.50 19.81 -13.71
N ALA D 392 -5.68 18.52 -13.96
CA ALA D 392 -5.68 18.02 -15.33
C ALA D 392 -6.99 18.32 -16.06
N ASN D 393 -6.91 19.09 -17.14
CA ASN D 393 -8.06 19.34 -18.00
C ASN D 393 -8.29 18.21 -19.01
N LEU D 394 -9.28 18.37 -19.88
CA LEU D 394 -9.55 17.34 -20.90
C LEU D 394 -8.61 17.47 -22.09
N SER D 395 -7.39 17.00 -21.94
CA SER D 395 -6.41 16.99 -23.04
C SER D 395 -5.50 15.76 -22.98
N LYS D 396 -5.01 15.36 -24.14
CA LYS D 396 -4.02 14.31 -24.21
C LYS D 396 -2.74 14.80 -23.56
N ALA D 397 -2.47 16.10 -23.70
CA ALA D 397 -1.29 16.70 -23.09
C ALA D 397 -1.20 16.42 -21.58
N ALA D 398 -2.33 16.60 -20.89
CA ALA D 398 -2.40 16.39 -19.42
C ALA D 398 -2.49 14.92 -19.03
N TRP D 399 -3.33 14.20 -19.76
CA TRP D 399 -3.69 12.85 -19.33
C TRP D 399 -2.82 11.77 -19.95
N GLY D 400 -2.17 12.09 -21.07
CA GLY D 400 -1.38 11.12 -21.78
C GLY D 400 -2.08 10.47 -22.96
N ALA D 401 -1.32 10.18 -24.02
CA ALA D 401 -1.84 9.38 -25.12
C ALA D 401 -0.91 8.22 -25.44
N LEU D 402 -1.51 7.05 -25.68
CA LEU D 402 -0.78 5.87 -26.10
C LEU D 402 -0.09 6.02 -27.46
N GLU D 403 1.16 5.57 -27.53
CA GLU D 403 2.01 5.66 -28.71
C GLU D 403 2.67 4.29 -28.89
N LYS D 404 3.44 4.13 -29.98
CA LYS D 404 4.19 2.91 -30.26
C LYS D 404 3.33 1.67 -30.11
N ASN D 405 2.23 1.66 -30.86
CA ASN D 405 1.26 0.56 -30.83
C ASN D 405 0.77 0.15 -29.42
N GLY D 406 0.39 1.13 -28.60
CA GLY D 406 -0.25 0.87 -27.32
C GLY D 406 0.68 0.49 -26.18
N THR D 407 1.99 0.60 -26.38
CA THR D 407 2.97 0.20 -25.37
C THR D 407 3.51 1.37 -24.58
N GLN D 408 3.35 2.56 -25.11
CA GLN D 408 4.00 3.73 -24.54
C GLN D 408 2.99 4.84 -24.28
N LEU D 409 3.04 5.43 -23.09
CA LEU D 409 2.13 6.53 -22.78
C LEU D 409 2.95 7.79 -22.84
N MET D 410 2.54 8.70 -23.71
CA MET D 410 3.24 9.96 -23.83
C MET D 410 2.46 11.10 -23.16
N ILE D 411 3.17 11.86 -22.34
CA ILE D 411 2.56 12.93 -21.58
C ILE D 411 3.37 14.16 -21.81
N ARG D 412 2.70 15.28 -21.97
CA ARG D 412 3.42 16.53 -22.27
C ARG D 412 3.63 17.38 -21.04
N SER D 413 2.75 17.23 -20.05
CA SER D 413 2.66 18.20 -18.96
C SER D 413 2.87 17.66 -17.55
N TYR D 414 3.01 18.58 -16.60
CA TYR D 414 2.93 18.25 -15.18
C TYR D 414 1.50 18.54 -14.72
N GLU D 415 0.89 17.57 -14.07
CA GLU D 415 -0.44 17.71 -13.45
C GLU D 415 -0.40 16.97 -12.12
N LEU D 416 -1.34 17.27 -11.23
CA LEU D 416 -1.42 16.61 -9.92
C LEU D 416 -2.83 16.72 -9.37
N GLY D 417 -3.33 15.62 -8.83
CA GLY D 417 -4.62 15.65 -8.19
C GLY D 417 -4.67 14.58 -7.14
N VAL D 418 -5.80 14.51 -6.44
CA VAL D 418 -5.96 13.52 -5.39
C VAL D 418 -7.25 12.76 -5.59
N LEU D 419 -7.15 11.44 -5.48
CA LEU D 419 -8.27 10.54 -5.72
C LEU D 419 -8.82 10.08 -4.37
N PHE D 420 -10.14 10.24 -4.20
CA PHE D 420 -10.89 9.75 -3.07
C PHE D 420 -11.56 8.44 -3.43
N LEU D 421 -11.13 7.37 -2.78
CA LEU D 421 -11.62 6.02 -3.01
C LEU D 421 -12.32 5.54 -1.73
N PRO D 422 -13.56 5.07 -1.85
CA PRO D 422 -14.28 4.54 -0.69
C PRO D 422 -13.43 3.52 0.07
N SER D 423 -12.67 2.67 -0.64
CA SER D 423 -11.88 1.65 0.05
C SER D 423 -10.92 2.27 1.08
N ALA D 424 -10.41 3.47 0.80
CA ALA D 424 -9.42 4.10 1.67
C ALA D 424 -10.02 4.54 3.01
N LEU D 425 -11.33 4.59 3.09
CA LEU D 425 -12.04 4.79 4.34
C LEU D 425 -12.82 3.53 4.75
N GLY D 426 -12.51 2.39 4.13
CA GLY D 426 -13.22 1.15 4.40
C GLY D 426 -14.69 1.11 3.93
N LEU D 427 -15.03 1.99 3.01
CA LEU D 427 -16.38 2.01 2.44
C LEU D 427 -16.36 1.38 1.07
N ASP D 428 -17.55 1.14 0.52
CA ASP D 428 -17.73 0.65 -0.85
C ASP D 428 -18.10 1.78 -1.80
N SER D 429 -18.81 2.78 -1.29
CA SER D 429 -19.18 3.93 -2.12
C SER D 429 -19.35 5.11 -1.20
N PHE D 430 -19.40 6.30 -1.78
CA PHE D 430 -19.73 7.50 -1.03
C PHE D 430 -21.12 7.89 -1.42
N LYS D 431 -21.90 8.35 -0.46
CA LYS D 431 -23.17 8.98 -0.79
C LYS D 431 -22.87 10.39 -1.24
N VAL D 432 -23.59 10.86 -2.24
CA VAL D 432 -23.40 12.22 -2.69
C VAL D 432 -24.10 13.17 -1.74
N LYS D 433 -23.35 14.15 -1.23
CA LYS D 433 -23.95 15.15 -0.36
C LYS D 433 -24.76 16.07 -1.26
N GLN D 434 -26.06 16.16 -0.99
CA GLN D 434 -26.99 16.78 -1.94
C GLN D 434 -26.97 18.29 -1.86
N LYS D 435 -26.60 18.81 -0.69
CA LYS D 435 -26.41 20.25 -0.53
C LYS D 435 -25.01 20.48 0.01
N PHE D 436 -24.15 21.05 -0.83
CA PHE D 436 -22.73 21.16 -0.52
C PHE D 436 -22.48 21.77 0.86
N PHE D 437 -23.28 22.76 1.21
CA PHE D 437 -23.19 23.40 2.53
C PHE D 437 -24.35 22.99 3.44
N THR D 446 -20.28 11.05 3.52
CA THR D 446 -20.91 11.55 2.31
C THR D 446 -20.08 12.65 1.62
N PHE D 447 -19.80 12.45 0.33
CA PHE D 447 -18.90 13.32 -0.42
C PHE D 447 -19.54 14.62 -0.95
N PRO D 448 -18.92 15.75 -0.64
CA PRO D 448 -19.43 17.04 -1.10
C PRO D 448 -19.09 17.32 -2.56
N VAL D 449 -19.86 16.72 -3.48
CA VAL D 449 -19.76 17.04 -4.90
C VAL D 449 -20.18 18.50 -5.06
N PRO D 450 -19.29 19.33 -5.59
CA PRO D 450 -19.50 20.79 -5.62
C PRO D 450 -20.50 21.33 -6.67
N TYR D 451 -20.91 20.51 -7.63
CA TYR D 451 -21.89 20.97 -8.64
C TYR D 451 -23.09 20.04 -8.70
N ASP D 452 -24.11 20.43 -9.44
CA ASP D 452 -25.39 19.72 -9.41
C ASP D 452 -25.34 18.45 -10.24
N LEU D 453 -26.18 17.50 -9.84
CA LEU D 453 -26.39 16.26 -10.57
C LEU D 453 -27.91 16.03 -10.68
N PRO D 454 -28.38 15.42 -11.77
CA PRO D 454 -27.51 14.96 -12.86
C PRO D 454 -27.08 16.18 -13.69
N PRO D 455 -26.03 16.07 -14.49
CA PRO D 455 -25.58 17.23 -15.26
C PRO D 455 -26.59 17.56 -16.39
N GLU D 456 -26.75 18.84 -16.72
CA GLU D 456 -27.74 19.24 -17.73
C GLU D 456 -27.16 19.45 -19.13
N LEU D 457 -27.72 18.74 -20.09
CA LEU D 457 -27.23 18.80 -21.46
C LEU D 457 -27.38 20.24 -22.00
N TYR D 458 -26.49 20.66 -22.89
CA TYR D 458 -26.65 21.94 -23.54
C TYR D 458 -28.03 22.00 -24.22
N GLY D 459 -28.57 23.20 -24.31
CA GLY D 459 -29.79 23.38 -25.09
C GLY D 459 -29.48 23.32 -26.58
N SER D 460 -30.54 23.32 -27.39
CA SER D 460 -30.38 23.36 -28.84
C SER D 460 -29.61 24.58 -29.32
N LYS D 461 -29.75 25.70 -28.63
CA LYS D 461 -29.06 26.94 -29.03
C LYS D 461 -27.78 27.23 -28.23
N ASP D 462 -27.42 26.32 -27.32
CA ASP D 462 -26.20 26.50 -26.53
C ASP D 462 -24.97 26.17 -27.35
N ARG D 463 -23.89 26.86 -27.04
CA ARG D 463 -22.59 26.57 -27.61
C ARG D 463 -21.55 26.54 -26.50
N PRO D 464 -20.50 25.76 -26.72
CA PRO D 464 -19.36 25.70 -25.79
C PRO D 464 -18.65 27.04 -25.79
N TRP D 465 -18.21 27.51 -24.63
CA TRP D 465 -17.40 28.72 -24.62
C TRP D 465 -16.16 28.52 -25.48
N ILE D 466 -15.97 29.40 -26.46
CA ILE D 466 -14.77 29.40 -27.28
C ILE D 466 -14.17 30.79 -27.20
N TRP D 467 -12.92 30.86 -26.75
CA TRP D 467 -12.42 32.14 -26.23
C TRP D 467 -11.95 33.16 -27.25
N ASN D 468 -11.64 32.69 -28.45
CA ASN D 468 -11.07 33.58 -29.45
C ASN D 468 -11.98 33.82 -30.66
N ILE D 469 -13.29 33.81 -30.43
CA ILE D 469 -14.24 34.34 -31.40
C ILE D 469 -15.09 35.38 -30.68
N PRO D 470 -15.73 36.27 -31.43
CA PRO D 470 -16.50 37.36 -30.83
C PRO D 470 -17.89 36.89 -30.37
N TYR D 471 -18.40 37.56 -29.33
CA TYR D 471 -19.79 37.42 -28.94
C TYR D 471 -20.34 38.83 -28.81
N VAL D 472 -21.29 39.16 -29.69
CA VAL D 472 -21.82 40.52 -29.78
C VAL D 472 -23.34 40.55 -29.80
N LYS D 473 -23.98 39.39 -29.62
CA LYS D 473 -25.43 39.32 -29.70
C LYS D 473 -26.11 39.82 -28.44
N ALA D 474 -25.44 39.66 -27.30
CA ALA D 474 -26.01 40.00 -26.01
C ALA D 474 -24.91 40.37 -25.02
N PRO D 475 -25.16 41.35 -24.15
CA PRO D 475 -24.15 41.83 -23.21
C PRO D 475 -24.03 40.97 -21.95
N ASP D 476 -22.86 41.01 -21.33
CA ASP D 476 -22.61 40.22 -20.14
C ASP D 476 -23.07 40.99 -18.92
N THR D 477 -22.85 40.43 -17.75
CA THR D 477 -23.37 41.03 -16.52
C THR D 477 -22.77 42.39 -16.16
N HIS D 478 -21.67 42.75 -16.82
CA HIS D 478 -21.02 44.03 -16.56
C HIS D 478 -21.37 45.03 -17.68
N GLY D 479 -22.19 44.62 -18.64
CA GLY D 479 -22.64 45.49 -19.72
C GLY D 479 -21.76 45.44 -20.97
N ASN D 480 -20.85 44.48 -21.02
CA ASN D 480 -19.92 44.34 -22.14
C ASN D 480 -20.20 43.20 -23.12
N MET D 481 -19.59 43.33 -24.30
CA MET D 481 -19.56 42.31 -25.35
C MET D 481 -18.15 41.78 -25.35
N TRP D 482 -17.87 40.81 -26.21
CA TRP D 482 -16.56 40.17 -26.24
C TRP D 482 -15.94 40.19 -27.63
N VAL D 483 -14.84 40.92 -27.78
CA VAL D 483 -14.17 41.06 -29.07
C VAL D 483 -12.67 40.83 -28.96
N PRO D 484 -12.24 39.58 -29.11
CA PRO D 484 -10.84 39.19 -28.88
C PRO D 484 -9.91 39.49 -30.05
#